data_6RA9
#
_entry.id   6RA9
#
_cell.length_a   133.520
_cell.length_b   133.520
_cell.length_c   305.440
_cell.angle_alpha   90.000
_cell.angle_beta   90.000
_cell.angle_gamma   120.000
#
_symmetry.space_group_name_H-M   'P 61 2 2'
#
loop_
_entity.id
_entity.type
_entity.pdbx_description
1 polymer 'Elongation factor 1-alpha 2'
2 polymer 'Elongation factor 1-alpha 2'
3 non-polymer L-ALPHA-GLYCEROPHOSPHORYLETHANOLAMINE
4 non-polymer "GUANOSINE-5'-DIPHOSPHATE"
5 non-polymer GLYCEROL
6 non-polymer 'SULFATE ION'
7 water water
#
loop_
_entity_poly.entity_id
_entity_poly.type
_entity_poly.pdbx_seq_one_letter_code
_entity_poly.pdbx_strand_id
1 'polypeptide(L)'
;MGKEKTHINIVVIGHVDSGKSTTTGHLIYKCGGIDKRTIEKFEKEAAEMGKGSFKYAWVLDKLKAERERGITIDISLWKF
ETTKYYITIIDAPGHRDFIKNMITGTSQADCAVLIVAAGVGEFEAGISKNGQTREHALLAYTLGVKQLIVGVNKMDSTEP
AYSEKRYDEIVKEVSAYIKKIGYNPATVPFVPISGWHGDNMLEPSPNMPWFKGWKVERKEGNASGVSLLEALDTILPPTR
PTDKPLRLPLQDVYKIGGIGTVPVG(POK)VETGILRPGMVVTFAPVNITTEVKSVEMHHEAL(SEP)EALPGDNVGFNV
KNVSVKDIRRGNVCGDSKSDPPQEAAQFTSQVIILNHPGQISAGYSPVIDCHTAHIACKFAELKEKIDRRSGKKLEDNPK
SLKSGDAAIVEMVPGKPMCVESFSQYPPLGRFAVRDMRQTVAVGVIKNVEKKSGGAGKVTKS
;
A
2 'polypeptide(L)'
;MGKEKTHINIVVIGHVDSGKSTTTGHLIYKCGGIDKRTIEKFEKEAAEMGKGSFKYAWVLDKLKAERERGITIDISLWKF
ETTKYYITIIDAPGHRDFIKNMITGTSQADCAVLIVAAGVGEFEAGISKNGQTREHALLAYTLGVKQLIVGVNKMDSTEP
AYSEKRYDEIVKEVSAYIKKIGYNPATVPFVPISGWHGDNMLEPSPNMPWFKGWKVERKEGNASGVSLLEALDTILPPTR
PTDKPLRLPLQDVYKIGGIGTVPVG(POK)VETGILRPGMVVTFAPVNITTEVKSVEMHHEALSEALPGDNVGFNVKNVS
VKDIRRGNVCGDSKSDPPQEAAQFTSQVIILNHPGQISAGYSPVIDCHTAHIACKFAELKEKIDRRSGKKLEDNPKSLKS
GDAAIVEMVPGKPMCVESFSQYPPLGRFAVRDMRQTVAVGVIKNVEKKSGGAGKVTKSAQKAQKA
;
B
#
loop_
_chem_comp.id
_chem_comp.type
_chem_comp.name
_chem_comp.formula
GDP RNA linking GUANOSINE-5'-DIPHOSPHATE 'C10 H15 N5 O11 P2'
GOL non-polymer GLYCEROL 'C3 H8 O3'
GPE non-polymer L-ALPHA-GLYCEROPHOSPHORYLETHANOLAMINE 'C5 H14 N O6 P'
SO4 non-polymer 'SULFATE ION' 'O4 S -2'
#
# COMPACT_ATOMS: atom_id res chain seq x y z
N LYS A 5 -0.18 19.98 13.42
CA LYS A 5 -1.53 19.64 12.99
C LYS A 5 -1.69 18.16 12.66
N THR A 6 -2.91 17.68 12.74
CA THR A 6 -3.23 16.28 12.51
C THR A 6 -3.63 16.05 11.06
N HIS A 7 -3.17 14.93 10.50
CA HIS A 7 -3.61 14.50 9.17
C HIS A 7 -4.94 13.77 9.29
N ILE A 8 -5.83 14.03 8.34
CA ILE A 8 -7.19 13.51 8.38
C ILE A 8 -7.59 13.10 6.97
N ASN A 9 -8.16 11.91 6.82
CA ASN A 9 -8.58 11.39 5.53
C ASN A 9 -10.10 11.47 5.40
N ILE A 10 -10.56 11.87 4.21
CA ILE A 10 -11.96 12.10 3.93
C ILE A 10 -12.35 11.26 2.72
N VAL A 11 -13.50 10.59 2.81
CA VAL A 11 -14.13 9.95 1.66
C VAL A 11 -15.40 10.73 1.35
N VAL A 12 -15.64 11.00 0.08
CA VAL A 12 -16.81 11.76 -0.36
C VAL A 12 -17.77 10.78 -1.02
N ILE A 13 -18.99 10.69 -0.49
CA ILE A 13 -19.99 9.77 -0.98
C ILE A 13 -21.27 10.54 -1.29
N GLY A 14 -22.19 9.88 -1.95
CA GLY A 14 -23.45 10.46 -2.36
C GLY A 14 -23.90 9.92 -3.69
N HIS A 15 -25.18 10.11 -3.99
CA HIS A 15 -25.75 9.65 -5.24
C HIS A 15 -25.02 10.26 -6.43
N VAL A 16 -25.00 9.53 -7.55
CA VAL A 16 -24.34 10.02 -8.75
C VAL A 16 -25.01 11.31 -9.21
N ASP A 17 -24.18 12.30 -9.56
CA ASP A 17 -24.62 13.62 -10.01
C ASP A 17 -25.27 14.45 -8.91
N SER A 18 -25.02 14.12 -7.64
CA SER A 18 -25.47 15.01 -6.57
C SER A 18 -24.51 16.17 -6.37
N GLY A 19 -23.30 16.08 -6.89
CA GLY A 19 -22.38 17.21 -6.86
C GLY A 19 -21.13 16.96 -6.04
N LYS A 20 -20.74 15.69 -5.90
CA LYS A 20 -19.54 15.37 -5.13
C LYS A 20 -18.30 16.00 -5.73
N SER A 21 -18.11 15.84 -7.04
CA SER A 21 -16.90 16.35 -7.67
C SER A 21 -16.87 17.87 -7.67
N THR A 22 -18.03 18.50 -7.91
CA THR A 22 -18.07 19.97 -7.92
C THR A 22 -17.84 20.53 -6.53
N THR A 23 -18.50 19.97 -5.53
CA THR A 23 -18.34 20.44 -4.16
C THR A 23 -16.90 20.27 -3.68
N THR A 24 -16.33 19.09 -3.90
CA THR A 24 -14.97 18.82 -3.46
C THR A 24 -13.97 19.74 -4.16
N GLY A 25 -14.07 19.84 -5.49
CA GLY A 25 -13.15 20.67 -6.23
C GLY A 25 -13.23 22.13 -5.82
N HIS A 26 -14.44 22.64 -5.64
CA HIS A 26 -14.60 24.03 -5.24
C HIS A 26 -13.97 24.28 -3.88
N LEU A 27 -14.10 23.32 -2.96
CA LEU A 27 -13.43 23.42 -1.67
C LEU A 27 -11.91 23.46 -1.84
N ILE A 28 -11.37 22.59 -2.68
CA ILE A 28 -9.93 22.58 -2.94
C ILE A 28 -9.50 23.85 -3.66
N TYR A 29 -10.33 24.39 -4.55
CA TYR A 29 -10.04 25.69 -5.14
C TYR A 29 -9.91 26.77 -4.07
N LYS A 30 -10.91 26.89 -3.21
CA LYS A 30 -10.99 27.98 -2.25
C LYS A 30 -10.05 27.83 -1.07
N CYS A 31 -9.46 26.65 -0.87
CA CYS A 31 -8.49 26.46 0.20
C CYS A 31 -7.06 26.56 -0.27
N GLY A 32 -6.83 27.09 -1.48
CA GLY A 32 -5.49 27.38 -1.94
C GLY A 32 -4.56 26.20 -2.03
N GLY A 33 -5.08 24.97 -2.06
CA GLY A 33 -4.24 23.79 -2.16
C GLY A 33 -3.43 23.70 -3.43
N ILE A 34 -3.88 24.37 -4.50
CA ILE A 34 -3.26 24.29 -5.82
C ILE A 34 -3.05 25.71 -6.34
N ASP A 35 -1.92 25.95 -7.00
CA ASP A 35 -1.68 27.27 -7.58
C ASP A 35 -2.55 27.49 -8.81
N LYS A 36 -2.79 28.77 -9.12
CA LYS A 36 -3.81 29.10 -10.11
C LYS A 36 -3.40 28.68 -11.51
N ARG A 37 -2.10 28.75 -11.83
CA ARG A 37 -1.66 28.36 -13.16
C ARG A 37 -1.79 26.86 -13.37
N THR A 38 -1.60 26.06 -12.32
CA THR A 38 -1.81 24.62 -12.43
C THR A 38 -3.30 24.29 -12.53
N ILE A 39 -4.14 25.06 -11.84
CA ILE A 39 -5.59 24.86 -11.94
C ILE A 39 -6.07 25.07 -13.36
N GLU A 40 -5.52 26.08 -14.05
CA GLU A 40 -5.94 26.33 -15.42
C GLU A 40 -5.44 25.26 -16.38
N LYS A 41 -4.22 24.76 -16.16
CA LYS A 41 -3.70 23.69 -17.00
C LYS A 41 -4.60 22.47 -16.97
N PHE A 42 -5.13 22.14 -15.79
CA PHE A 42 -5.96 20.94 -15.66
C PHE A 42 -7.40 21.18 -16.05
N GLU A 43 -7.89 22.42 -15.92
CA GLU A 43 -9.24 22.73 -16.40
C GLU A 43 -9.31 22.64 -17.92
N LYS A 44 -8.25 23.08 -18.61
CA LYS A 44 -8.22 22.96 -20.06
C LYS A 44 -8.07 21.51 -20.49
N GLU A 45 -7.22 20.75 -19.80
CA GLU A 45 -7.12 19.32 -20.06
C GLU A 45 -8.46 18.63 -19.87
N ALA A 46 -9.22 19.05 -18.85
CA ALA A 46 -10.51 18.43 -18.58
C ALA A 46 -11.50 18.67 -19.71
N ALA A 47 -11.53 19.90 -20.23
CA ALA A 47 -12.50 20.22 -21.28
C ALA A 47 -12.19 19.46 -22.56
N GLU A 48 -10.90 19.25 -22.85
CA GLU A 48 -10.53 18.50 -24.06
C GLU A 48 -11.00 17.05 -23.99
N MET A 49 -10.85 16.41 -22.83
CA MET A 49 -11.30 15.03 -22.69
C MET A 49 -12.82 14.95 -22.77
N GLY A 50 -13.52 15.92 -22.20
CA GLY A 50 -14.96 16.03 -22.38
C GLY A 50 -15.79 14.97 -21.69
N LYS A 51 -15.29 14.36 -20.63
CA LYS A 51 -16.02 13.33 -19.92
C LYS A 51 -16.63 13.81 -18.61
N GLY A 52 -16.23 14.99 -18.11
CA GLY A 52 -16.74 15.48 -16.85
C GLY A 52 -17.00 16.98 -16.92
N SER A 53 -17.66 17.48 -15.86
CA SER A 53 -17.97 18.90 -15.78
C SER A 53 -16.69 19.73 -15.89
N PHE A 54 -16.78 20.86 -16.59
CA PHE A 54 -15.59 21.55 -17.06
C PHE A 54 -14.86 22.31 -15.95
N LYS A 55 -15.58 22.90 -14.99
CA LYS A 55 -14.96 23.61 -13.88
C LYS A 55 -15.16 22.83 -12.59
N TYR A 56 -14.19 22.95 -11.68
CA TYR A 56 -14.23 22.36 -10.33
C TYR A 56 -14.15 20.84 -10.34
N ALA A 57 -15.04 20.19 -11.09
CA ALA A 57 -15.20 18.74 -10.99
C ALA A 57 -13.96 17.95 -11.36
N TRP A 58 -13.05 18.52 -12.16
CA TRP A 58 -11.88 17.77 -12.62
C TRP A 58 -11.03 17.28 -11.45
N VAL A 59 -11.02 18.01 -10.34
CA VAL A 59 -10.21 17.63 -9.19
C VAL A 59 -10.59 16.22 -8.72
N LEU A 60 -11.85 16.03 -8.34
CA LEU A 60 -12.28 14.72 -7.87
C LEU A 60 -12.35 13.71 -9.01
N ASP A 61 -12.58 14.17 -10.24
CA ASP A 61 -12.56 13.25 -11.37
C ASP A 61 -11.16 12.69 -11.60
N LYS A 62 -10.14 13.53 -11.40
CA LYS A 62 -8.76 13.07 -11.52
C LYS A 62 -8.42 12.06 -10.42
N LEU A 63 -8.81 12.37 -9.18
CA LEU A 63 -8.54 11.48 -8.05
C LEU A 63 -9.17 10.11 -8.28
N LYS A 64 -10.44 10.07 -8.67
CA LYS A 64 -11.09 8.80 -8.97
C LYS A 64 -10.28 8.00 -9.97
N ALA A 65 -9.75 8.68 -11.01
CA ALA A 65 -9.06 7.97 -12.07
C ALA A 65 -7.73 7.41 -11.58
N GLU A 66 -7.06 8.13 -10.67
CA GLU A 66 -5.73 7.76 -10.25
C GLU A 66 -5.70 6.80 -9.06
N ARG A 67 -6.85 6.53 -8.44
CA ARG A 67 -6.97 5.46 -7.45
C ARG A 67 -7.31 4.13 -8.10
N GLU A 68 -6.69 3.82 -9.24
CA GLU A 68 -7.04 2.64 -10.02
C GLU A 68 -5.85 1.71 -10.16
N ARG A 69 -6.15 0.40 -10.22
CA ARG A 69 -5.19 -0.65 -10.56
C ARG A 69 -4.15 -0.91 -9.48
N GLY A 70 -3.93 0.06 -8.59
CA GLY A 70 -2.99 -0.08 -7.51
C GLY A 70 -1.73 0.77 -7.61
N ILE A 71 -1.76 1.89 -8.32
CA ILE A 71 -0.60 2.72 -8.56
C ILE A 71 -0.93 4.14 -8.15
N THR A 72 -0.21 4.66 -7.17
CA THR A 72 -0.34 6.04 -6.71
C THR A 72 0.99 6.75 -6.91
N ILE A 73 0.97 7.83 -7.68
CA ILE A 73 2.19 8.54 -8.07
C ILE A 73 2.36 9.83 -7.28
N ASP A 74 1.29 10.62 -7.15
CA ASP A 74 1.36 11.87 -6.42
C ASP A 74 -0.04 12.25 -5.96
N ILE A 75 -0.19 12.56 -4.67
CA ILE A 75 -1.47 12.90 -4.08
C ILE A 75 -1.49 14.33 -3.56
N SER A 76 -0.52 15.16 -3.96
CA SER A 76 -0.42 16.50 -3.41
C SER A 76 -1.61 17.37 -3.81
N LEU A 77 -2.24 17.09 -4.95
CA LEU A 77 -3.35 17.91 -5.40
C LEU A 77 -4.59 17.77 -4.53
N TRP A 78 -4.66 16.73 -3.70
CA TRP A 78 -5.89 16.41 -2.97
C TRP A 78 -5.70 16.56 -1.47
N LYS A 79 -4.71 17.32 -1.04
CA LYS A 79 -4.46 17.61 0.37
C LYS A 79 -4.56 19.13 0.56
N PHE A 80 -5.64 19.58 1.18
CA PHE A 80 -5.82 20.98 1.53
C PHE A 80 -5.73 21.14 3.05
N GLU A 81 -5.63 22.39 3.49
CA GLU A 81 -5.40 22.72 4.88
C GLU A 81 -6.58 23.51 5.42
N THR A 82 -7.17 23.03 6.50
CA THR A 82 -8.12 23.80 7.29
C THR A 82 -7.39 24.40 8.49
N THR A 83 -8.13 25.00 9.41
CA THR A 83 -7.50 25.67 10.54
C THR A 83 -7.07 24.71 11.64
N LYS A 84 -7.53 23.45 11.60
CA LYS A 84 -7.16 22.47 12.61
C LYS A 84 -6.56 21.19 12.02
N TYR A 85 -6.68 20.97 10.71
CA TYR A 85 -6.30 19.70 10.11
C TYR A 85 -5.64 19.91 8.75
N TYR A 86 -4.78 18.95 8.38
CA TYR A 86 -4.44 18.70 7.00
C TYR A 86 -5.38 17.59 6.52
N ILE A 87 -6.26 17.93 5.58
CA ILE A 87 -7.29 17.00 5.12
C ILE A 87 -6.89 16.47 3.75
N THR A 88 -7.10 15.18 3.54
CA THR A 88 -6.82 14.52 2.28
C THR A 88 -8.05 13.76 1.81
N ILE A 89 -8.48 14.03 0.58
CA ILE A 89 -9.51 13.20 -0.06
C ILE A 89 -8.83 11.94 -0.57
N ILE A 90 -9.40 10.78 -0.27
CA ILE A 90 -8.80 9.52 -0.66
C ILE A 90 -9.59 8.78 -1.72
N ASP A 91 -10.92 8.99 -1.80
CA ASP A 91 -11.70 8.26 -2.79
C ASP A 91 -13.11 8.85 -2.86
N ALA A 92 -13.85 8.36 -3.86
CA ALA A 92 -15.25 8.69 -4.07
C ALA A 92 -15.83 7.63 -5.01
N PRO A 93 -17.13 7.38 -4.95
CA PRO A 93 -17.73 6.38 -5.85
C PRO A 93 -17.71 6.85 -7.29
N GLY A 94 -17.74 5.87 -8.19
CA GLY A 94 -17.77 6.17 -9.61
C GLY A 94 -16.56 5.71 -10.38
N HIS A 95 -15.92 4.63 -9.92
CA HIS A 95 -14.87 3.97 -10.68
C HIS A 95 -14.79 2.52 -10.23
N ARG A 96 -14.15 1.70 -11.06
CA ARG A 96 -14.24 0.25 -10.91
C ARG A 96 -13.77 -0.22 -9.54
N ASP A 97 -12.71 0.39 -9.02
CA ASP A 97 -12.04 -0.11 -7.83
C ASP A 97 -12.50 0.56 -6.53
N PHE A 98 -13.64 1.27 -6.55
CA PHE A 98 -14.06 2.01 -5.36
C PHE A 98 -14.28 1.07 -4.17
N ILE A 99 -15.22 0.13 -4.30
CA ILE A 99 -15.51 -0.78 -3.19
C ILE A 99 -14.30 -1.60 -2.81
N LYS A 100 -13.52 -2.04 -3.80
CA LYS A 100 -12.29 -2.77 -3.49
C LYS A 100 -11.32 -1.91 -2.69
N ASN A 101 -11.18 -0.64 -3.07
CA ASN A 101 -10.26 0.24 -2.35
C ASN A 101 -10.72 0.47 -0.92
N MET A 102 -12.03 0.57 -0.72
CA MET A 102 -12.57 0.76 0.63
C MET A 102 -12.29 -0.46 1.51
N ILE A 103 -12.53 -1.67 0.97
CA ILE A 103 -12.42 -2.87 1.76
C ILE A 103 -10.96 -3.20 2.06
N THR A 104 -10.11 -3.19 1.02
CA THR A 104 -8.71 -3.53 1.20
C THR A 104 -7.95 -2.51 2.02
N GLY A 105 -8.55 -1.36 2.32
CA GLY A 105 -7.91 -0.42 3.21
C GLY A 105 -6.76 0.34 2.62
N THR A 106 -6.60 0.30 1.29
CA THR A 106 -5.70 1.26 0.65
C THR A 106 -6.26 2.67 0.70
N SER A 107 -7.46 2.83 1.24
CA SER A 107 -8.06 4.13 1.54
C SER A 107 -8.75 3.98 2.89
N GLN A 108 -8.25 4.68 3.90
CA GLN A 108 -8.71 4.53 5.28
C GLN A 108 -9.27 5.87 5.76
N ALA A 109 -10.56 6.11 5.51
CA ALA A 109 -11.16 7.40 5.77
C ALA A 109 -11.49 7.58 7.25
N ASP A 110 -11.23 8.79 7.75
CA ASP A 110 -11.62 9.18 9.09
C ASP A 110 -13.04 9.72 9.17
N CYS A 111 -13.54 10.29 8.07
CA CYS A 111 -14.89 10.84 8.04
C CYS A 111 -15.42 10.80 6.62
N ALA A 112 -16.73 10.65 6.49
CA ALA A 112 -17.39 10.56 5.20
C ALA A 112 -18.26 11.79 5.00
N VAL A 113 -17.99 12.53 3.93
CA VAL A 113 -18.83 13.66 3.53
C VAL A 113 -19.90 13.13 2.58
N LEU A 114 -21.13 13.04 3.06
CA LEU A 114 -22.24 12.55 2.26
C LEU A 114 -22.93 13.73 1.60
N ILE A 115 -23.01 13.71 0.27
CA ILE A 115 -23.62 14.78 -0.51
C ILE A 115 -25.00 14.34 -0.97
N VAL A 116 -26.02 15.13 -0.65
CA VAL A 116 -27.39 14.86 -1.03
C VAL A 116 -27.92 16.06 -1.81
N ALA A 117 -28.52 15.81 -2.96
CA ALA A 117 -28.99 16.88 -3.82
C ALA A 117 -30.38 17.33 -3.38
N ALA A 118 -30.53 18.62 -3.08
CA ALA A 118 -31.84 19.15 -2.71
C ALA A 118 -32.63 19.51 -3.97
N GLY A 119 -32.00 20.22 -4.89
CA GLY A 119 -32.59 20.44 -6.18
C GLY A 119 -32.58 19.17 -7.00
N VAL A 120 -33.70 18.45 -6.98
CA VAL A 120 -33.84 17.22 -7.74
C VAL A 120 -34.45 17.47 -9.11
N GLY A 121 -34.76 18.71 -9.44
CA GLY A 121 -35.33 19.01 -10.75
C GLY A 121 -36.67 18.32 -10.90
N GLU A 122 -36.85 17.63 -12.03
CA GLU A 122 -38.05 16.85 -12.28
C GLU A 122 -37.84 15.37 -11.99
N PHE A 123 -36.84 15.04 -11.18
CA PHE A 123 -36.60 13.66 -10.79
C PHE A 123 -37.30 13.38 -9.47
N GLU A 124 -36.88 12.33 -8.75
CA GLU A 124 -37.53 11.90 -7.52
C GLU A 124 -36.92 12.62 -6.34
N ALA A 125 -37.65 13.59 -5.77
CA ALA A 125 -37.18 14.28 -4.57
C ALA A 125 -36.94 13.32 -3.42
N GLY A 126 -37.74 12.26 -3.33
CA GLY A 126 -37.59 11.29 -2.26
C GLY A 126 -36.26 10.57 -2.26
N ILE A 127 -35.65 10.48 -1.08
CA ILE A 127 -34.48 9.63 -0.86
C ILE A 127 -35.02 8.21 -0.70
N SER A 128 -34.88 7.40 -1.75
CA SER A 128 -35.65 6.16 -1.85
C SER A 128 -35.13 5.10 -0.89
N LYS A 129 -36.01 4.15 -0.58
CA LYS A 129 -35.72 3.13 0.43
C LYS A 129 -34.52 2.28 0.04
N ASN A 130 -34.36 2.00 -1.25
CA ASN A 130 -33.27 1.17 -1.75
C ASN A 130 -32.30 1.97 -2.62
N GLY A 131 -32.08 3.24 -2.29
CA GLY A 131 -31.34 4.15 -3.14
C GLY A 131 -29.88 4.32 -2.74
N GLN A 132 -29.15 5.05 -3.60
CA GLN A 132 -27.70 5.18 -3.45
C GLN A 132 -27.33 5.94 -2.18
N THR A 133 -28.09 6.96 -1.81
CA THR A 133 -27.78 7.71 -0.60
C THR A 133 -27.77 6.81 0.62
N ARG A 134 -28.81 5.98 0.77
CA ARG A 134 -28.85 5.04 1.88
C ARG A 134 -27.74 4.01 1.77
N GLU A 135 -27.50 3.47 0.56
CA GLU A 135 -26.51 2.41 0.41
C GLU A 135 -25.10 2.92 0.66
N HIS A 136 -24.81 4.17 0.28
CA HIS A 136 -23.52 4.74 0.59
C HIS A 136 -23.35 4.96 2.09
N ALA A 137 -24.39 5.49 2.75
CA ALA A 137 -24.32 5.67 4.19
C ALA A 137 -24.16 4.34 4.92
N LEU A 138 -24.85 3.31 4.44
CA LEU A 138 -24.67 1.98 5.03
C LEU A 138 -23.25 1.48 4.81
N LEU A 139 -22.63 1.84 3.69
CA LEU A 139 -21.26 1.40 3.42
C LEU A 139 -20.27 2.05 4.38
N ALA A 140 -20.39 3.36 4.60
CA ALA A 140 -19.48 4.05 5.51
C ALA A 140 -19.58 3.47 6.92
N TYR A 141 -20.79 3.12 7.35
CA TYR A 141 -20.97 2.53 8.67
C TYR A 141 -20.32 1.16 8.76
N THR A 142 -20.37 0.38 7.68
CA THR A 142 -19.74 -0.93 7.67
C THR A 142 -18.22 -0.83 7.74
N LEU A 143 -17.64 0.20 7.14
CA LEU A 143 -16.19 0.38 7.12
C LEU A 143 -15.67 1.15 8.32
N GLY A 144 -16.51 1.37 9.34
CA GLY A 144 -16.07 2.02 10.55
C GLY A 144 -15.90 3.51 10.46
N VAL A 145 -16.33 4.14 9.38
CA VAL A 145 -16.36 5.59 9.30
C VAL A 145 -17.52 6.08 10.15
N LYS A 146 -17.26 6.37 11.42
CA LYS A 146 -18.31 6.73 12.35
C LYS A 146 -18.57 8.23 12.43
N GLN A 147 -17.81 9.03 11.68
CA GLN A 147 -18.02 10.46 11.59
C GLN A 147 -18.59 10.78 10.22
N LEU A 148 -19.71 11.47 10.19
CA LEU A 148 -20.46 11.68 8.97
C LEU A 148 -20.90 13.13 8.90
N ILE A 149 -20.60 13.78 7.78
CA ILE A 149 -21.09 15.13 7.48
C ILE A 149 -21.98 15.05 6.25
N VAL A 150 -23.18 15.59 6.37
CA VAL A 150 -24.15 15.61 5.26
C VAL A 150 -24.16 17.01 4.65
N GLY A 151 -23.74 17.11 3.40
CA GLY A 151 -23.90 18.33 2.65
C GLY A 151 -25.14 18.29 1.79
N VAL A 152 -26.15 19.07 2.15
CA VAL A 152 -27.36 19.19 1.34
C VAL A 152 -27.06 20.18 0.22
N ASN A 153 -26.82 19.66 -0.98
CA ASN A 153 -26.23 20.43 -2.07
C ASN A 153 -27.30 20.89 -3.05
N LYS A 154 -26.91 21.82 -3.93
CA LYS A 154 -27.78 22.38 -4.96
C LYS A 154 -28.95 23.14 -4.34
N MET A 155 -28.69 23.82 -3.23
CA MET A 155 -29.72 24.66 -2.61
C MET A 155 -30.19 25.76 -3.54
N ASP A 156 -29.37 26.15 -4.51
CA ASP A 156 -29.78 27.14 -5.50
C ASP A 156 -30.94 26.65 -6.37
N SER A 157 -31.13 25.33 -6.47
CA SER A 157 -32.09 24.77 -7.41
C SER A 157 -33.34 24.19 -6.74
N THR A 158 -33.55 24.48 -5.47
CA THR A 158 -34.78 24.04 -4.81
C THR A 158 -35.95 24.90 -5.31
N GLU A 159 -37.14 24.60 -4.81
CA GLU A 159 -38.36 25.29 -5.23
C GLU A 159 -39.11 25.80 -4.02
N PRO A 160 -39.00 27.09 -3.68
CA PRO A 160 -38.17 28.12 -4.33
C PRO A 160 -36.69 27.98 -4.04
N ALA A 161 -35.88 28.90 -4.56
CA ALA A 161 -34.44 28.82 -4.36
C ALA A 161 -34.08 28.99 -2.89
N TYR A 162 -33.12 28.19 -2.43
CA TYR A 162 -32.68 28.19 -1.04
C TYR A 162 -33.85 27.99 -0.09
N SER A 163 -34.60 26.93 -0.35
CA SER A 163 -35.85 26.65 0.37
C SER A 163 -35.53 25.99 1.70
N GLU A 164 -35.83 26.69 2.80
CA GLU A 164 -35.69 26.08 4.12
C GLU A 164 -36.58 24.85 4.26
N LYS A 165 -37.81 24.94 3.76
CA LYS A 165 -38.73 23.80 3.85
C LYS A 165 -38.17 22.58 3.14
N ARG A 166 -37.59 22.77 1.95
CA ARG A 166 -36.95 21.66 1.26
C ARG A 166 -35.77 21.11 2.05
N TYR A 167 -34.98 22.00 2.64
CA TYR A 167 -33.83 21.57 3.44
C TYR A 167 -34.27 20.75 4.65
N ASP A 168 -35.34 21.18 5.33
CA ASP A 168 -35.84 20.43 6.48
C ASP A 168 -36.32 19.04 6.07
N GLU A 169 -37.11 18.98 5.00
CA GLU A 169 -37.62 17.74 4.43
C GLU A 169 -36.52 16.71 4.27
N ILE A 170 -35.36 17.16 3.79
CA ILE A 170 -34.26 16.26 3.49
C ILE A 170 -33.59 15.80 4.78
N VAL A 171 -33.36 16.72 5.72
CA VAL A 171 -32.77 16.34 7.00
C VAL A 171 -33.65 15.31 7.68
N LYS A 172 -34.96 15.57 7.71
CA LYS A 172 -35.90 14.62 8.33
C LYS A 172 -35.82 13.25 7.66
N GLU A 173 -35.81 13.24 6.33
CA GLU A 173 -35.78 11.97 5.60
C GLU A 173 -34.45 11.25 5.81
N VAL A 174 -33.34 11.99 5.72
CA VAL A 174 -32.02 11.36 5.82
C VAL A 174 -31.72 10.94 7.25
N SER A 175 -32.16 11.73 8.23
CA SER A 175 -31.93 11.38 9.63
C SER A 175 -32.58 10.03 9.98
N ALA A 176 -33.80 9.80 9.50
CA ALA A 176 -34.46 8.53 9.74
C ALA A 176 -33.63 7.37 9.23
N TYR A 177 -33.10 7.49 8.03
CA TYR A 177 -32.36 6.38 7.42
C TYR A 177 -31.05 6.11 8.16
N ILE A 178 -30.27 7.16 8.43
CA ILE A 178 -28.98 6.94 9.07
C ILE A 178 -29.16 6.52 10.52
N LYS A 179 -30.27 6.90 11.15
CA LYS A 179 -30.56 6.41 12.50
C LYS A 179 -30.82 4.91 12.49
N LYS A 180 -31.55 4.43 11.48
CA LYS A 180 -31.74 2.99 11.33
C LYS A 180 -30.42 2.30 11.03
N ILE A 181 -29.56 2.95 10.23
CA ILE A 181 -28.29 2.34 9.86
C ILE A 181 -27.40 2.18 11.09
N GLY A 182 -27.45 3.15 12.00
CA GLY A 182 -26.68 3.05 13.22
C GLY A 182 -26.00 4.33 13.63
N TYR A 183 -26.05 5.35 12.77
CA TYR A 183 -25.55 6.67 13.15
C TYR A 183 -26.53 7.33 14.12
N ASN A 184 -25.98 8.12 15.05
CA ASN A 184 -26.80 8.98 15.89
C ASN A 184 -26.99 10.30 15.15
N PRO A 185 -28.19 10.62 14.66
CA PRO A 185 -28.37 11.83 13.85
C PRO A 185 -28.02 13.09 14.58
N ALA A 186 -28.01 13.07 15.91
CA ALA A 186 -27.63 14.25 16.67
C ALA A 186 -26.14 14.56 16.56
N THR A 187 -25.34 13.61 16.08
CA THR A 187 -23.90 13.81 15.95
C THR A 187 -23.48 14.20 14.54
N VAL A 188 -24.43 14.30 13.62
CA VAL A 188 -24.16 14.53 12.20
C VAL A 188 -24.51 15.98 11.88
N PRO A 189 -23.55 16.79 11.44
CA PRO A 189 -23.88 18.14 10.97
C PRO A 189 -24.51 18.10 9.58
N PHE A 190 -25.58 18.87 9.42
CA PHE A 190 -26.28 19.01 8.15
C PHE A 190 -26.06 20.43 7.63
N VAL A 191 -25.27 20.56 6.57
CA VAL A 191 -24.87 21.86 6.04
C VAL A 191 -25.57 22.06 4.70
N PRO A 192 -26.46 23.04 4.56
CA PRO A 192 -27.00 23.38 3.24
C PRO A 192 -25.96 24.18 2.46
N ILE A 193 -25.60 23.69 1.27
CA ILE A 193 -24.54 24.29 0.49
C ILE A 193 -24.99 24.44 -0.96
N SER A 194 -24.21 25.21 -1.70
CA SER A 194 -24.24 25.19 -3.16
C SER A 194 -22.79 24.97 -3.59
N GLY A 195 -22.45 23.72 -3.92
CA GLY A 195 -21.13 23.44 -4.42
C GLY A 195 -20.78 24.24 -5.65
N TRP A 196 -21.78 24.58 -6.46
CA TRP A 196 -21.52 25.36 -7.67
C TRP A 196 -21.20 26.81 -7.34
N HIS A 197 -22.08 27.49 -6.61
CA HIS A 197 -21.88 28.90 -6.30
C HIS A 197 -20.93 29.11 -5.12
N GLY A 198 -20.66 28.08 -4.32
CA GLY A 198 -19.86 28.25 -3.13
C GLY A 198 -20.62 28.72 -1.93
N ASP A 199 -21.95 28.69 -1.96
CA ASP A 199 -22.75 29.09 -0.81
C ASP A 199 -22.41 28.25 0.41
N ASN A 200 -22.07 28.92 1.51
CA ASN A 200 -22.03 28.31 2.83
C ASN A 200 -20.95 27.24 2.94
N MET A 201 -19.92 27.34 2.11
CA MET A 201 -18.82 26.37 2.17
C MET A 201 -17.67 26.83 3.06
N LEU A 202 -17.33 28.12 3.01
CA LEU A 202 -16.28 28.67 3.86
C LEU A 202 -16.76 29.82 4.74
N GLU A 203 -17.87 30.45 4.40
CA GLU A 203 -18.48 31.53 5.15
C GLU A 203 -19.99 31.38 5.04
N PRO A 204 -20.75 32.04 5.92
CA PRO A 204 -22.21 31.97 5.80
C PRO A 204 -22.68 32.59 4.49
N SER A 205 -23.70 31.98 3.91
CA SER A 205 -24.21 32.47 2.64
C SER A 205 -25.25 33.56 2.87
N PRO A 206 -25.15 34.70 2.18
CA PRO A 206 -26.20 35.72 2.30
C PRO A 206 -27.54 35.27 1.74
N ASN A 207 -27.57 34.21 0.94
CA ASN A 207 -28.81 33.72 0.35
C ASN A 207 -29.62 32.85 1.30
N MET A 208 -29.05 32.43 2.43
CA MET A 208 -29.77 31.62 3.42
C MET A 208 -29.67 32.28 4.79
N PRO A 209 -30.41 33.39 5.00
CA PRO A 209 -30.44 33.99 6.34
C PRO A 209 -31.23 33.17 7.34
N TRP A 210 -32.07 32.25 6.88
CA TRP A 210 -32.82 31.39 7.78
C TRP A 210 -31.95 30.33 8.45
N PHE A 211 -30.83 29.98 7.83
CA PHE A 211 -29.92 28.98 8.41
C PHE A 211 -29.10 29.64 9.51
N LYS A 212 -29.40 29.30 10.76
CA LYS A 212 -28.62 29.81 11.87
C LYS A 212 -27.44 28.90 12.22
N GLY A 213 -27.47 27.65 11.79
CA GLY A 213 -26.30 26.80 11.91
C GLY A 213 -26.67 25.36 12.16
N TRP A 214 -25.67 24.51 12.05
CA TRP A 214 -25.77 23.11 12.45
C TRP A 214 -25.26 22.94 13.88
N LYS A 215 -25.65 21.82 14.49
CA LYS A 215 -25.25 21.49 15.84
C LYS A 215 -24.95 20.00 15.91
N VAL A 216 -23.89 19.65 16.63
CA VAL A 216 -23.55 18.25 16.90
C VAL A 216 -23.51 18.06 18.41
N GLU A 217 -24.03 16.92 18.87
CA GLU A 217 -24.05 16.57 20.28
C GLU A 217 -23.48 15.15 20.39
N ARG A 218 -22.22 15.06 20.82
CA ARG A 218 -21.50 13.80 20.91
C ARG A 218 -21.21 13.49 22.38
N LYS A 219 -20.77 12.25 22.63
CA LYS A 219 -20.33 11.89 23.96
C LYS A 219 -19.10 12.69 24.39
N GLU A 220 -18.31 13.14 23.42
CA GLU A 220 -17.12 13.94 23.72
C GLU A 220 -17.50 15.36 24.11
N GLY A 221 -18.30 16.02 23.29
CA GLY A 221 -18.72 17.38 23.54
C GLY A 221 -19.39 18.03 22.36
N ASN A 222 -20.31 18.96 22.63
CA ASN A 222 -21.08 19.60 21.58
C ASN A 222 -20.22 20.58 20.78
N ALA A 223 -20.67 20.88 19.57
CA ALA A 223 -20.03 21.86 18.71
C ALA A 223 -21.06 22.40 17.73
N SER A 224 -20.85 23.64 17.29
CA SER A 224 -21.79 24.29 16.39
C SER A 224 -21.03 25.13 15.37
N GLY A 225 -21.69 25.41 14.26
CA GLY A 225 -21.08 26.23 13.23
C GLY A 225 -22.04 26.48 12.10
N VAL A 226 -21.52 27.11 11.04
CA VAL A 226 -22.36 27.48 9.90
C VAL A 226 -21.84 26.82 8.63
N SER A 227 -20.59 27.12 8.28
CA SER A 227 -20.05 26.69 6.99
C SER A 227 -19.73 25.20 7.00
N LEU A 228 -19.52 24.65 5.80
CA LEU A 228 -19.06 23.27 5.67
C LEU A 228 -17.63 23.13 6.17
N LEU A 229 -16.82 24.19 6.08
CA LEU A 229 -15.45 24.11 6.55
C LEU A 229 -15.41 23.95 8.06
N GLU A 230 -16.29 24.64 8.78
CA GLU A 230 -16.37 24.46 10.23
C GLU A 230 -16.86 23.06 10.60
N ALA A 231 -17.69 22.44 9.75
CA ALA A 231 -18.09 21.06 10.00
C ALA A 231 -16.89 20.12 9.91
N LEU A 232 -15.97 20.40 8.99
CA LEU A 232 -14.80 19.54 8.83
C LEU A 232 -13.85 19.63 10.02
N ASP A 233 -13.91 20.71 10.78
CA ASP A 233 -13.03 20.89 11.93
C ASP A 233 -13.66 20.40 13.23
N THR A 234 -14.81 19.74 13.17
CA THR A 234 -15.36 19.01 14.29
C THR A 234 -15.10 17.52 14.21
N ILE A 235 -14.50 17.07 13.10
CA ILE A 235 -14.08 15.68 13.00
C ILE A 235 -13.09 15.37 14.12
N LEU A 236 -13.27 14.23 14.73
CA LEU A 236 -12.39 13.91 15.83
C LEU A 236 -11.27 12.97 15.40
N PRO A 237 -10.13 13.00 16.06
CA PRO A 237 -9.10 12.00 15.79
C PRO A 237 -9.66 10.61 16.04
N PRO A 238 -9.10 9.60 15.38
CA PRO A 238 -9.53 8.23 15.64
C PRO A 238 -9.10 7.79 17.03
N THR A 239 -9.82 6.80 17.55
CA THR A 239 -9.41 6.18 18.80
C THR A 239 -8.08 5.47 18.59
N ARG A 240 -7.08 5.87 19.38
CA ARG A 240 -5.79 5.19 19.33
C ARG A 240 -6.00 3.73 19.74
N PRO A 241 -5.24 2.80 19.13
CA PRO A 241 -5.42 1.39 19.49
C PRO A 241 -5.05 1.09 20.93
N THR A 242 -4.22 1.92 21.55
CA THR A 242 -3.81 1.70 22.94
C THR A 242 -4.99 1.80 23.90
N ASP A 243 -5.99 2.61 23.56
CA ASP A 243 -7.14 2.83 24.43
C ASP A 243 -8.27 1.82 24.20
N LYS A 244 -8.09 0.86 23.31
CA LYS A 244 -9.08 -0.18 23.12
C LYS A 244 -8.73 -1.39 23.98
N PRO A 245 -9.73 -2.25 24.27
CA PRO A 245 -9.43 -3.51 24.99
C PRO A 245 -8.36 -4.34 24.32
N LEU A 246 -7.75 -5.25 25.09
CA LEU A 246 -6.65 -6.05 24.56
C LEU A 246 -7.14 -7.01 23.49
N ARG A 247 -6.40 -7.08 22.38
CA ARG A 247 -6.63 -8.08 21.34
C ARG A 247 -5.28 -8.56 20.85
N LEU A 248 -5.05 -9.87 20.90
CA LEU A 248 -3.76 -10.45 20.56
C LEU A 248 -4.00 -11.76 19.80
N PRO A 249 -3.99 -11.73 18.48
CA PRO A 249 -4.10 -12.98 17.71
C PRO A 249 -2.81 -13.79 17.83
N LEU A 250 -2.96 -15.09 18.09
CA LEU A 250 -1.79 -15.93 18.32
C LEU A 250 -1.19 -16.37 16.98
N GLN A 251 0.08 -16.06 16.78
CA GLN A 251 0.79 -16.56 15.61
C GLN A 251 1.32 -17.96 15.83
N ASP A 252 1.88 -18.22 17.02
CA ASP A 252 2.48 -19.52 17.34
C ASP A 252 2.26 -19.81 18.81
N VAL A 253 2.36 -21.10 19.15
CA VAL A 253 2.34 -21.55 20.54
C VAL A 253 3.48 -22.53 20.72
N TYR A 254 4.40 -22.23 21.63
CA TYR A 254 5.56 -23.05 21.88
C TYR A 254 5.52 -23.64 23.28
N LYS A 255 6.28 -24.72 23.46
CA LYS A 255 6.49 -25.34 24.77
C LYS A 255 7.98 -25.23 25.09
N ILE A 256 8.33 -24.27 25.95
CA ILE A 256 9.70 -24.06 26.38
C ILE A 256 9.92 -24.81 27.68
N GLY A 257 10.95 -25.65 27.73
CA GLY A 257 11.20 -26.42 28.92
C GLY A 257 11.45 -25.52 30.12
N GLY A 258 10.93 -25.94 31.27
CA GLY A 258 11.02 -25.14 32.48
C GLY A 258 10.00 -24.02 32.50
N ILE A 259 10.06 -23.14 31.49
CA ILE A 259 9.12 -22.03 31.40
C ILE A 259 7.69 -22.54 31.28
N GLY A 260 7.42 -23.31 30.23
CA GLY A 260 6.09 -23.85 30.03
C GLY A 260 5.50 -23.55 28.66
N THR A 261 4.30 -22.97 28.65
CA THR A 261 3.55 -22.73 27.42
C THR A 261 3.67 -21.26 27.05
N VAL A 262 4.31 -20.99 25.91
CA VAL A 262 4.60 -19.62 25.51
C VAL A 262 3.91 -19.29 24.19
N PRO A 263 2.71 -18.71 24.21
CA PRO A 263 2.15 -18.13 22.99
C PRO A 263 2.96 -16.94 22.51
N VAL A 264 2.94 -16.72 21.20
CA VAL A 264 3.61 -15.59 20.58
C VAL A 264 2.61 -14.90 19.67
N GLY A 265 2.60 -13.57 19.71
CA GLY A 265 1.76 -12.82 18.80
C GLY A 265 1.94 -11.32 18.84
N POK A 266 1.22 -10.63 17.96
CA POK A 266 1.32 -9.15 17.85
C POK A 266 0.13 -8.53 18.60
O POK A 266 -1.02 -8.89 18.40
CB POK A 266 1.32 -8.72 16.37
CG POK A 266 1.55 -7.25 16.12
CD POK A 266 1.05 -6.95 14.71
NE POK A 266 1.13 -5.50 14.38
CZ POK A 266 2.04 -4.99 13.49
NH1 POK A 266 2.07 -3.62 13.21
NH2 POK A 266 2.96 -5.83 12.85
CAA POK A 266 3.97 -5.35 11.88
CMA POK A 266 4.96 -4.38 12.50
OMA POK A 266 5.54 -4.84 13.62
OMB POK A 266 5.24 -3.27 12.09
N VAL A 267 0.44 -7.59 19.49
CA VAL A 267 -0.60 -6.83 20.15
C VAL A 267 -1.25 -5.90 19.12
N GLU A 268 -2.53 -6.14 18.81
CA GLU A 268 -3.21 -5.30 17.86
C GLU A 268 -3.91 -4.12 18.53
N THR A 269 -4.52 -4.34 19.69
CA THR A 269 -5.09 -3.26 20.50
C THR A 269 -4.82 -3.54 21.97
N GLY A 270 -4.79 -2.47 22.76
CA GLY A 270 -4.68 -2.61 24.19
C GLY A 270 -3.25 -2.77 24.68
N ILE A 271 -3.14 -3.17 25.94
CA ILE A 271 -1.86 -3.37 26.59
C ILE A 271 -1.85 -4.75 27.23
N LEU A 272 -0.75 -5.48 27.05
CA LEU A 272 -0.53 -6.75 27.71
C LEU A 272 0.50 -6.54 28.82
N ARG A 273 0.10 -6.82 30.05
CA ARG A 273 0.94 -6.68 31.22
C ARG A 273 1.12 -8.03 31.92
N PRO A 274 2.31 -8.32 32.44
CA PRO A 274 2.47 -9.52 33.26
C PRO A 274 1.64 -9.41 34.53
N GLY A 275 0.93 -10.49 34.85
CA GLY A 275 -0.05 -10.49 35.92
C GLY A 275 -1.48 -10.35 35.46
N MET A 276 -1.71 -10.04 34.18
CA MET A 276 -3.08 -9.95 33.67
C MET A 276 -3.72 -11.31 33.58
N VAL A 277 -5.02 -11.34 33.81
CA VAL A 277 -5.83 -12.54 33.61
C VAL A 277 -6.47 -12.42 32.24
N VAL A 278 -5.99 -13.23 31.29
CA VAL A 278 -6.45 -13.15 29.92
C VAL A 278 -7.43 -14.28 29.65
N THR A 279 -8.24 -14.10 28.61
CA THR A 279 -9.12 -15.14 28.09
C THR A 279 -8.73 -15.43 26.65
N PHE A 280 -8.56 -16.70 26.31
CA PHE A 280 -8.30 -17.12 24.94
C PHE A 280 -9.60 -17.53 24.28
N ALA A 281 -9.89 -16.93 23.12
CA ALA A 281 -11.05 -17.26 22.31
C ALA A 281 -10.60 -17.93 21.01
N PRO A 282 -11.39 -18.88 20.48
CA PRO A 282 -12.72 -19.32 20.93
C PRO A 282 -12.68 -20.54 21.86
N VAL A 283 -11.50 -20.90 22.36
CA VAL A 283 -11.37 -22.08 23.21
C VAL A 283 -11.85 -21.84 24.63
N ASN A 284 -12.14 -20.60 25.00
CA ASN A 284 -12.73 -20.23 26.28
C ASN A 284 -11.89 -20.74 27.45
N ILE A 285 -10.65 -20.26 27.49
CA ILE A 285 -9.70 -20.56 28.56
C ILE A 285 -9.26 -19.24 29.18
N THR A 286 -9.26 -19.19 30.51
CA THR A 286 -8.88 -18.00 31.25
C THR A 286 -7.75 -18.33 32.21
N THR A 287 -6.69 -17.53 32.19
CA THR A 287 -5.49 -17.83 32.94
C THR A 287 -4.68 -16.56 33.14
N GLU A 288 -3.70 -16.64 34.03
CA GLU A 288 -2.84 -15.51 34.36
C GLU A 288 -1.60 -15.50 33.48
N VAL A 289 -1.07 -14.31 33.24
CA VAL A 289 0.16 -14.12 32.46
C VAL A 289 1.32 -14.02 33.44
N LYS A 290 2.24 -14.97 33.35
CA LYS A 290 3.37 -15.00 34.27
C LYS A 290 4.48 -14.03 33.86
N SER A 291 4.66 -13.80 32.56
CA SER A 291 5.68 -12.89 32.08
C SER A 291 5.39 -12.55 30.62
N VAL A 292 6.06 -11.50 30.14
CA VAL A 292 6.01 -11.05 28.75
C VAL A 292 7.43 -10.72 28.31
N GLU A 293 7.83 -11.23 27.15
CA GLU A 293 9.20 -11.07 26.68
C GLU A 293 9.22 -10.65 25.22
N MET A 294 10.20 -9.81 24.89
CA MET A 294 10.46 -9.40 23.51
C MET A 294 11.96 -9.48 23.28
N HIS A 295 12.37 -10.35 22.34
CA HIS A 295 13.78 -10.62 22.04
C HIS A 295 14.48 -11.25 23.24
N HIS A 296 13.82 -12.25 23.82
CA HIS A 296 14.37 -13.02 24.95
C HIS A 296 14.80 -12.09 26.09
N GLU A 297 14.00 -11.05 26.31
CA GLU A 297 14.25 -10.07 27.36
C GLU A 297 12.90 -9.59 27.89
N ALA A 298 12.82 -9.44 29.22
CA ALA A 298 11.54 -9.20 29.88
C ALA A 298 10.91 -7.89 29.44
N LEU A 299 9.66 -7.69 29.85
CA LEU A 299 8.89 -6.54 29.39
C LEU A 299 7.82 -6.11 30.40
N SEP A 300 7.81 -4.81 30.71
CA SEP A 300 6.80 -4.23 31.58
CB SEP A 300 7.21 -2.81 31.99
OG SEP A 300 8.60 -2.60 31.80
C SEP A 300 5.44 -4.20 30.89
O SEP A 300 4.42 -4.56 31.49
P SEP A 300 8.89 -1.71 30.48
O1P SEP A 300 7.53 -0.94 30.03
O2P SEP A 300 9.37 -2.67 29.28
O3P SEP A 300 10.03 -0.62 30.79
N GLU A 301 5.44 -3.76 29.63
CA GLU A 301 4.22 -3.58 28.87
C GLU A 301 4.37 -3.96 27.61
N ALA A 302 3.34 -4.59 27.05
CA ALA A 302 3.31 -4.89 25.62
C ALA A 302 2.28 -3.99 24.96
N LEU A 303 2.76 -3.08 24.10
CA LEU A 303 1.98 -2.03 23.48
C LEU A 303 1.52 -2.44 22.09
N PRO A 304 0.51 -1.75 21.53
CA PRO A 304 0.00 -2.13 20.20
C PRO A 304 1.08 -2.03 19.14
N GLY A 305 1.33 -3.15 18.46
CA GLY A 305 2.37 -3.27 17.46
C GLY A 305 3.51 -4.16 17.87
N ASP A 306 3.68 -4.43 19.16
CA ASP A 306 4.79 -5.25 19.62
C ASP A 306 4.52 -6.73 19.34
N ASN A 307 5.55 -7.42 18.86
CA ASN A 307 5.50 -8.86 18.66
C ASN A 307 6.20 -9.53 19.85
N VAL A 308 5.41 -10.18 20.70
CA VAL A 308 5.87 -10.62 22.01
C VAL A 308 5.54 -12.09 22.22
N GLY A 309 6.26 -12.71 23.13
CA GLY A 309 5.88 -13.98 23.71
C GLY A 309 5.48 -13.75 25.16
N PHE A 310 4.55 -14.55 25.65
CA PHE A 310 4.12 -14.43 27.04
C PHE A 310 3.83 -15.81 27.61
N ASN A 311 4.27 -16.03 28.84
CA ASN A 311 4.14 -17.33 29.49
C ASN A 311 2.87 -17.35 30.33
N VAL A 312 2.00 -18.32 30.07
CA VAL A 312 0.72 -18.43 30.75
C VAL A 312 0.74 -19.69 31.61
N LYS A 313 0.07 -19.62 32.76
CA LYS A 313 0.07 -20.71 33.72
C LYS A 313 -1.06 -21.70 33.43
N ASN A 314 -0.78 -22.98 33.67
CA ASN A 314 -1.80 -24.04 33.69
C ASN A 314 -2.49 -24.23 32.34
N VAL A 315 -1.80 -23.95 31.24
CA VAL A 315 -2.36 -24.10 29.91
C VAL A 315 -1.47 -25.03 29.10
N SER A 316 -2.04 -26.12 28.58
CA SER A 316 -1.31 -27.05 27.73
C SER A 316 -1.13 -26.48 26.34
N VAL A 317 -0.10 -26.98 25.64
CA VAL A 317 0.15 -26.53 24.28
C VAL A 317 -0.86 -27.14 23.32
N LYS A 318 -1.39 -28.33 23.64
CA LYS A 318 -2.51 -28.88 22.89
C LYS A 318 -3.78 -28.02 23.02
N ASP A 319 -3.80 -27.05 23.93
CA ASP A 319 -5.03 -26.35 24.28
C ASP A 319 -5.21 -25.01 23.55
N ILE A 320 -4.14 -24.40 23.04
CA ILE A 320 -4.24 -23.13 22.33
C ILE A 320 -3.37 -23.20 21.08
N ARG A 321 -3.87 -22.64 19.98
CA ARG A 321 -3.21 -22.74 18.69
C ARG A 321 -3.10 -21.37 18.03
N ARG A 322 -2.30 -21.33 16.96
CA ARG A 322 -2.37 -20.23 16.02
C ARG A 322 -3.80 -20.05 15.54
N GLY A 323 -4.23 -18.79 15.47
CA GLY A 323 -5.57 -18.45 15.10
C GLY A 323 -6.47 -18.08 16.27
N ASN A 324 -6.13 -18.53 17.48
CA ASN A 324 -6.87 -18.09 18.65
C ASN A 324 -6.54 -16.64 18.96
N VAL A 325 -7.48 -15.97 19.61
CA VAL A 325 -7.34 -14.57 19.97
C VAL A 325 -7.29 -14.44 21.48
N CYS A 326 -6.35 -13.65 21.96
CA CYS A 326 -6.14 -13.43 23.39
C CYS A 326 -6.64 -12.04 23.78
N GLY A 327 -7.30 -11.96 24.92
CA GLY A 327 -7.79 -10.68 25.40
C GLY A 327 -7.97 -10.66 26.90
N ASP A 328 -8.16 -9.45 27.44
CA ASP A 328 -8.33 -9.29 28.87
C ASP A 328 -9.65 -9.91 29.33
N SER A 329 -9.60 -10.63 30.44
CA SER A 329 -10.81 -11.29 30.95
C SER A 329 -11.78 -10.31 31.60
N LYS A 330 -11.32 -9.11 31.91
CA LYS A 330 -12.15 -8.11 32.59
C LYS A 330 -12.79 -7.11 31.64
N SER A 331 -12.06 -6.62 30.64
CA SER A 331 -12.54 -5.59 29.73
C SER A 331 -12.77 -6.18 28.35
N ASP A 332 -14.03 -6.32 27.97
CA ASP A 332 -14.44 -6.79 26.65
C ASP A 332 -13.67 -8.04 26.21
N PRO A 333 -13.83 -9.17 26.90
CA PRO A 333 -13.10 -10.37 26.51
C PRO A 333 -13.61 -10.90 25.18
N PRO A 334 -12.73 -11.47 24.35
CA PRO A 334 -13.17 -12.02 23.06
C PRO A 334 -13.94 -13.33 23.24
N GLN A 335 -14.83 -13.60 22.28
CA GLN A 335 -15.69 -14.77 22.32
C GLN A 335 -15.75 -15.42 20.95
N GLU A 336 -16.37 -16.60 20.91
CA GLU A 336 -16.55 -17.35 19.67
C GLU A 336 -17.66 -16.72 18.83
N ALA A 337 -17.40 -16.56 17.53
CA ALA A 337 -18.39 -16.03 16.62
C ALA A 337 -19.35 -17.14 16.19
N ALA A 338 -20.63 -16.99 16.52
CA ALA A 338 -21.64 -17.93 16.05
C ALA A 338 -21.94 -17.72 14.57
N GLN A 339 -21.94 -16.47 14.13
CA GLN A 339 -22.07 -16.07 12.73
C GLN A 339 -21.81 -14.57 12.66
N PHE A 340 -21.45 -14.10 11.47
CA PHE A 340 -21.16 -12.69 11.29
C PHE A 340 -21.55 -12.23 9.90
N THR A 341 -22.10 -11.01 9.84
CA THR A 341 -22.44 -10.37 8.58
C THR A 341 -21.22 -9.60 8.06
N SER A 342 -20.98 -9.70 6.76
CA SER A 342 -19.81 -9.08 6.16
C SER A 342 -20.16 -8.49 4.81
N GLN A 343 -19.28 -7.61 4.33
CA GLN A 343 -19.37 -7.02 3.00
C GLN A 343 -18.15 -7.46 2.21
N VAL A 344 -18.39 -8.09 1.06
CA VAL A 344 -17.32 -8.66 0.25
C VAL A 344 -17.38 -8.10 -1.17
N ILE A 345 -16.27 -8.25 -1.89
CA ILE A 345 -16.21 -8.05 -3.32
C ILE A 345 -15.56 -9.28 -3.93
N ILE A 346 -16.20 -9.85 -4.95
CA ILE A 346 -15.76 -11.09 -5.55
C ILE A 346 -14.72 -10.80 -6.63
N LEU A 347 -13.61 -11.52 -6.59
CA LEU A 347 -12.59 -11.43 -7.61
C LEU A 347 -12.76 -12.60 -8.59
N ASN A 348 -11.99 -12.56 -9.68
CA ASN A 348 -12.18 -13.53 -10.74
C ASN A 348 -11.87 -14.94 -10.25
N HIS A 349 -12.66 -15.90 -10.71
CA HIS A 349 -12.58 -17.29 -10.31
C HIS A 349 -13.56 -18.11 -11.15
N PRO A 350 -13.39 -19.43 -11.27
CA PRO A 350 -14.30 -20.21 -12.11
C PRO A 350 -15.65 -20.40 -11.44
N GLY A 351 -16.72 -20.10 -12.18
CA GLY A 351 -18.07 -20.41 -11.75
C GLY A 351 -18.70 -19.32 -10.91
N GLN A 352 -19.91 -19.63 -10.44
CA GLN A 352 -20.70 -18.72 -9.63
C GLN A 352 -20.73 -19.18 -8.17
N ILE A 353 -21.07 -18.25 -7.29
CA ILE A 353 -21.12 -18.49 -5.86
C ILE A 353 -22.58 -18.44 -5.42
N SER A 354 -23.04 -19.54 -4.82
CA SER A 354 -24.38 -19.61 -4.25
C SER A 354 -24.28 -19.67 -2.73
N ALA A 355 -25.42 -19.52 -2.08
CA ALA A 355 -25.48 -19.73 -0.64
C ALA A 355 -25.19 -21.19 -0.31
N GLY A 356 -24.30 -21.43 0.63
CA GLY A 356 -23.79 -22.75 0.93
C GLY A 356 -22.33 -22.94 0.55
N TYR A 357 -21.78 -22.01 -0.23
CA TYR A 357 -20.36 -22.00 -0.53
C TYR A 357 -19.56 -21.93 0.77
N SER A 358 -18.65 -22.89 0.97
CA SER A 358 -17.91 -23.04 2.22
C SER A 358 -16.40 -22.96 2.01
N PRO A 359 -15.88 -21.80 1.61
CA PRO A 359 -14.43 -21.68 1.37
C PRO A 359 -13.64 -21.35 2.63
N VAL A 360 -12.33 -21.29 2.50
CA VAL A 360 -11.45 -20.95 3.63
C VAL A 360 -11.37 -19.44 3.79
N ILE A 361 -11.46 -18.98 5.03
CA ILE A 361 -11.40 -17.57 5.38
C ILE A 361 -10.07 -17.28 6.06
N ASP A 362 -9.36 -16.28 5.57
CA ASP A 362 -8.10 -15.82 6.16
C ASP A 362 -8.39 -14.55 6.96
N CYS A 363 -8.44 -14.67 8.27
CA CYS A 363 -8.66 -13.53 9.16
C CYS A 363 -7.63 -13.55 10.28
N HIS A 364 -7.03 -12.39 10.54
CA HIS A 364 -5.81 -12.24 11.34
C HIS A 364 -4.88 -13.44 11.15
N THR A 365 -4.66 -14.24 12.19
CA THR A 365 -3.85 -15.43 12.08
C THR A 365 -4.69 -16.69 11.92
N ALA A 366 -6.00 -16.58 11.78
CA ALA A 366 -6.87 -17.73 11.63
C ALA A 366 -6.96 -18.15 10.16
N HIS A 367 -7.44 -19.37 9.95
CA HIS A 367 -7.50 -20.00 8.63
C HIS A 367 -8.58 -21.09 8.68
N ILE A 368 -9.84 -20.68 8.55
CA ILE A 368 -10.98 -21.52 8.87
C ILE A 368 -12.02 -21.40 7.76
N ALA A 369 -12.59 -22.54 7.37
CA ALA A 369 -13.66 -22.56 6.39
C ALA A 369 -14.96 -22.00 6.98
N CYS A 370 -15.62 -21.12 6.22
CA CYS A 370 -16.88 -20.53 6.63
C CYS A 370 -17.92 -20.72 5.54
N LYS A 371 -19.18 -20.84 5.95
CA LYS A 371 -20.28 -21.03 5.02
C LYS A 371 -20.90 -19.69 4.66
N PHE A 372 -21.02 -19.42 3.35
CA PHE A 372 -21.83 -18.31 2.89
C PHE A 372 -23.30 -18.67 3.06
N ALA A 373 -23.85 -18.43 4.26
CA ALA A 373 -25.17 -18.93 4.60
C ALA A 373 -26.30 -18.18 3.90
N GLU A 374 -26.18 -16.87 3.80
CA GLU A 374 -27.16 -16.06 3.08
C GLU A 374 -26.58 -15.09 2.36
N LEU A 375 -26.89 -15.03 1.08
CA LEU A 375 -26.51 -13.87 0.25
C LEU A 375 -27.61 -12.82 0.41
N LYS A 376 -27.25 -11.66 0.96
CA LYS A 376 -28.27 -10.68 1.33
C LYS A 376 -28.44 -9.56 0.31
N GLU A 377 -27.36 -9.04 -0.27
CA GLU A 377 -27.48 -7.95 -1.23
C GLU A 377 -26.38 -8.07 -2.26
N LYS A 378 -26.70 -7.73 -3.51
CA LYS A 378 -25.71 -7.63 -4.58
C LYS A 378 -25.46 -6.15 -4.85
N ILE A 379 -24.19 -5.74 -4.78
CA ILE A 379 -23.81 -4.34 -4.87
C ILE A 379 -22.94 -4.15 -6.11
N ASP A 380 -23.15 -3.05 -6.83
CA ASP A 380 -22.26 -2.67 -7.92
C ASP A 380 -20.98 -2.06 -7.36
N ARG A 381 -19.84 -2.49 -7.89
CA ARG A 381 -18.56 -2.08 -7.31
C ARG A 381 -18.11 -0.70 -7.78
N ARG A 382 -18.67 -0.19 -8.88
CA ARG A 382 -18.33 1.15 -9.34
C ARG A 382 -19.11 2.21 -8.57
N SER A 383 -20.44 2.16 -8.64
CA SER A 383 -21.27 3.17 -8.04
C SER A 383 -21.64 2.88 -6.59
N GLY A 384 -21.47 1.65 -6.12
CA GLY A 384 -21.86 1.25 -4.79
C GLY A 384 -23.36 1.11 -4.57
N LYS A 385 -24.17 1.18 -5.63
CA LYS A 385 -25.61 1.08 -5.46
C LYS A 385 -26.04 -0.37 -5.32
N LYS A 386 -27.27 -0.57 -4.88
CA LYS A 386 -27.80 -1.91 -4.65
C LYS A 386 -28.50 -2.40 -5.91
N LEU A 387 -28.05 -3.54 -6.42
CA LEU A 387 -28.62 -4.11 -7.64
C LEU A 387 -29.74 -5.09 -7.36
N GLU A 388 -29.76 -5.71 -6.18
CA GLU A 388 -30.60 -6.89 -5.96
C GLU A 388 -30.65 -7.29 -4.50
N ASP A 389 -31.84 -7.53 -3.97
CA ASP A 389 -32.01 -8.08 -2.64
C ASP A 389 -32.12 -9.59 -2.73
N ASN A 390 -31.39 -10.29 -1.87
CA ASN A 390 -31.38 -11.75 -1.84
C ASN A 390 -31.05 -12.36 -3.20
N PRO A 391 -29.87 -12.08 -3.75
CA PRO A 391 -29.52 -12.65 -5.06
C PRO A 391 -29.32 -14.15 -4.97
N LYS A 392 -29.65 -14.85 -6.06
CA LYS A 392 -29.45 -16.29 -6.11
C LYS A 392 -27.98 -16.66 -6.27
N SER A 393 -27.14 -15.75 -6.78
CA SER A 393 -25.73 -16.05 -6.95
C SER A 393 -24.92 -14.77 -7.09
N LEU A 394 -23.61 -14.92 -6.95
CA LEU A 394 -22.65 -13.84 -7.16
C LEU A 394 -21.60 -14.32 -8.15
N LYS A 395 -21.18 -13.42 -9.03
CA LYS A 395 -20.13 -13.73 -9.98
C LYS A 395 -18.98 -12.74 -9.78
N SER A 396 -17.90 -12.98 -10.50
CA SER A 396 -16.73 -12.12 -10.41
C SER A 396 -17.11 -10.67 -10.70
N GLY A 397 -16.52 -9.76 -9.92
CA GLY A 397 -16.80 -8.35 -10.02
C GLY A 397 -17.95 -7.87 -9.15
N ASP A 398 -18.76 -8.77 -8.63
CA ASP A 398 -19.87 -8.36 -7.78
C ASP A 398 -19.38 -7.97 -6.40
N ALA A 399 -20.17 -7.16 -5.72
CA ALA A 399 -20.00 -6.86 -4.31
C ALA A 399 -21.26 -7.29 -3.59
N ALA A 400 -21.11 -7.75 -2.35
CA ALA A 400 -22.25 -8.37 -1.70
C ALA A 400 -22.22 -8.16 -0.20
N ILE A 401 -23.39 -8.28 0.41
CA ILE A 401 -23.55 -8.45 1.85
C ILE A 401 -23.91 -9.91 2.08
N VAL A 402 -23.07 -10.63 2.81
CA VAL A 402 -23.27 -12.06 3.04
C VAL A 402 -23.21 -12.35 4.54
N GLU A 403 -24.04 -13.29 4.99
CA GLU A 403 -24.02 -13.78 6.35
C GLU A 403 -23.22 -15.08 6.40
N MET A 404 -22.14 -15.08 7.17
CA MET A 404 -21.22 -16.20 7.20
C MET A 404 -21.31 -16.96 8.52
N VAL A 405 -21.18 -18.28 8.44
CA VAL A 405 -21.23 -19.16 9.60
C VAL A 405 -20.00 -20.06 9.59
N PRO A 406 -19.07 -19.89 10.53
CA PRO A 406 -17.86 -20.73 10.53
C PRO A 406 -18.16 -22.19 10.77
N GLY A 407 -17.31 -23.05 10.22
CA GLY A 407 -17.48 -24.49 10.34
C GLY A 407 -16.82 -25.04 11.58
N LYS A 408 -15.58 -24.65 11.81
CA LYS A 408 -14.88 -24.88 13.06
C LYS A 408 -14.90 -23.60 13.88
N PRO A 409 -14.77 -23.71 15.21
CA PRO A 409 -14.87 -22.51 16.06
C PRO A 409 -13.88 -21.43 15.65
N MET A 410 -14.36 -20.19 15.59
CA MET A 410 -13.59 -19.06 15.10
C MET A 410 -13.91 -17.84 15.95
N CYS A 411 -12.93 -16.94 16.06
CA CYS A 411 -13.12 -15.67 16.78
C CYS A 411 -12.74 -14.53 15.84
N VAL A 412 -13.73 -13.71 15.49
CA VAL A 412 -13.52 -12.53 14.67
C VAL A 412 -14.18 -11.34 15.34
N GLU A 413 -13.93 -10.15 14.80
CA GLU A 413 -14.45 -8.92 15.37
C GLU A 413 -14.98 -8.02 14.27
N SER A 414 -15.88 -7.13 14.66
CA SER A 414 -16.36 -6.10 13.76
C SER A 414 -15.20 -5.23 13.29
N PHE A 415 -15.15 -4.95 11.98
CA PHE A 415 -14.08 -4.14 11.43
C PHE A 415 -14.05 -2.74 12.03
N SER A 416 -15.22 -2.23 12.44
CA SER A 416 -15.27 -0.89 13.04
C SER A 416 -14.73 -0.86 14.46
N GLN A 417 -14.84 -1.98 15.19
CA GLN A 417 -14.33 -2.06 16.56
C GLN A 417 -12.85 -2.43 16.59
N TYR A 418 -12.46 -3.46 15.85
CA TYR A 418 -11.08 -3.94 15.85
C TYR A 418 -10.68 -4.23 14.41
N PRO A 419 -10.13 -3.22 13.72
CA PRO A 419 -9.85 -3.36 12.28
C PRO A 419 -8.97 -4.54 11.94
N PRO A 420 -7.84 -4.76 12.63
CA PRO A 420 -6.96 -5.87 12.23
C PRO A 420 -7.60 -7.24 12.36
N LEU A 421 -8.68 -7.37 13.13
CA LEU A 421 -9.39 -8.63 13.28
C LEU A 421 -10.72 -8.63 12.54
N GLY A 422 -10.92 -7.67 11.63
CA GLY A 422 -12.20 -7.51 10.99
C GLY A 422 -12.20 -7.53 9.47
N ARG A 423 -11.02 -7.59 8.85
CA ARG A 423 -10.92 -7.75 7.41
C ARG A 423 -10.36 -9.13 7.09
N PHE A 424 -10.88 -9.75 6.04
CA PHE A 424 -10.53 -11.13 5.72
C PHE A 424 -10.36 -11.30 4.22
N ALA A 425 -9.68 -12.38 3.84
CA ALA A 425 -9.59 -12.82 2.46
C ALA A 425 -10.17 -14.21 2.34
N VAL A 426 -10.80 -14.49 1.20
CA VAL A 426 -11.46 -15.75 0.93
C VAL A 426 -10.62 -16.51 -0.11
N ARG A 427 -10.32 -17.77 0.18
CA ARG A 427 -9.45 -18.56 -0.68
C ARG A 427 -10.12 -19.87 -1.08
N ASP A 428 -9.94 -20.25 -2.33
CA ASP A 428 -10.38 -21.55 -2.84
C ASP A 428 -9.15 -22.20 -3.43
N MET A 429 -8.70 -23.29 -2.80
CA MET A 429 -7.37 -23.85 -3.06
C MET A 429 -6.33 -22.77 -2.84
N ARG A 430 -5.62 -22.37 -3.88
CA ARG A 430 -4.63 -21.30 -3.77
C ARG A 430 -5.14 -19.95 -4.25
N GLN A 431 -6.25 -19.91 -4.99
CA GLN A 431 -6.75 -18.65 -5.51
C GLN A 431 -7.38 -17.81 -4.42
N THR A 432 -7.23 -16.49 -4.54
CA THR A 432 -7.98 -15.54 -3.73
C THR A 432 -9.24 -15.16 -4.49
N VAL A 433 -10.40 -15.52 -3.95
CA VAL A 433 -11.66 -15.36 -4.67
C VAL A 433 -12.52 -14.23 -4.13
N ALA A 434 -12.15 -13.64 -2.99
CA ALA A 434 -12.92 -12.54 -2.43
C ALA A 434 -12.11 -11.89 -1.31
N VAL A 435 -12.45 -10.64 -1.02
CA VAL A 435 -11.97 -9.95 0.17
C VAL A 435 -13.16 -9.25 0.82
N GLY A 436 -13.09 -9.10 2.14
CA GLY A 436 -14.24 -8.52 2.82
C GLY A 436 -13.87 -7.90 4.16
N VAL A 437 -14.85 -7.17 4.70
CA VAL A 437 -14.78 -6.64 6.05
C VAL A 437 -16.04 -7.06 6.79
N ILE A 438 -15.94 -7.16 8.11
CA ILE A 438 -17.01 -7.71 8.93
C ILE A 438 -17.87 -6.57 9.46
N LYS A 439 -19.18 -6.66 9.21
CA LYS A 439 -20.12 -5.66 9.70
C LYS A 439 -20.36 -5.87 11.19
N ASN A 440 -21.10 -6.92 11.55
CA ASN A 440 -21.36 -7.21 12.95
C ASN A 440 -21.27 -8.71 13.19
N VAL A 441 -20.98 -9.08 14.43
CA VAL A 441 -20.76 -10.46 14.82
C VAL A 441 -21.80 -10.84 15.86
N GLU A 442 -22.41 -12.01 15.69
CA GLU A 442 -23.28 -12.60 16.72
C GLU A 442 -22.41 -13.51 17.58
N LYS A 443 -22.15 -13.09 18.81
CA LYS A 443 -21.30 -13.87 19.70
C LYS A 443 -22.04 -15.09 20.22
N LYS A 444 -21.27 -16.12 20.58
CA LYS A 444 -21.86 -17.39 20.98
C LYS A 444 -22.48 -17.30 22.36
N SER A 445 -23.52 -18.11 22.58
CA SER A 445 -24.24 -18.12 23.85
C SER A 445 -23.47 -18.88 24.92
N GLY A 446 -22.17 -19.09 24.70
CA GLY A 446 -21.34 -19.83 25.63
C GLY A 446 -20.80 -18.96 26.74
N GLY A 447 -20.98 -19.42 27.98
CA GLY A 447 -20.47 -18.73 29.14
C GLY A 447 -19.09 -19.21 29.56
N ALA A 448 -18.56 -18.55 30.58
CA ALA A 448 -17.19 -18.77 31.05
C ALA A 448 -16.94 -20.25 31.33
N GLY A 449 -15.93 -20.80 30.65
CA GLY A 449 -15.61 -22.20 30.78
C GLY A 449 -14.49 -22.49 31.76
N LYS A 450 -13.30 -22.80 31.25
CA LYS A 450 -12.19 -23.25 32.08
C LYS A 450 -11.45 -22.05 32.67
N VAL A 451 -11.40 -22.01 34.00
CA VAL A 451 -10.63 -20.99 34.73
C VAL A 451 -9.61 -21.73 35.58
N THR A 452 -8.33 -21.47 35.32
CA THR A 452 -7.25 -22.25 35.91
C THR A 452 -7.00 -21.83 37.35
N LYS A 453 -5.90 -22.33 37.94
CA LYS A 453 -5.50 -22.04 39.32
C LYS A 453 -5.13 -20.57 39.55
N SER A 454 -5.28 -19.72 38.54
CA SER A 454 -5.14 -18.27 38.71
C SER A 454 -6.05 -17.54 37.73
N GLU B 4 11.76 -4.36 18.02
CA GLU B 4 12.97 -3.65 18.40
C GLU B 4 14.03 -3.75 17.30
N LYS B 5 14.17 -4.93 16.70
CA LYS B 5 15.10 -5.11 15.60
C LYS B 5 14.56 -4.45 14.33
N THR B 6 15.48 -4.09 13.44
CA THR B 6 15.11 -3.50 12.17
C THR B 6 14.44 -4.52 11.27
N HIS B 7 13.55 -4.04 10.39
CA HIS B 7 12.81 -4.89 9.48
C HIS B 7 13.47 -4.88 8.11
N ILE B 8 13.62 -6.06 7.51
CA ILE B 8 14.32 -6.25 6.25
C ILE B 8 13.46 -7.12 5.35
N ASN B 9 13.22 -6.68 4.12
CA ASN B 9 12.44 -7.43 3.16
C ASN B 9 13.37 -8.11 2.16
N ILE B 10 13.13 -9.40 1.93
CA ILE B 10 13.92 -10.22 1.02
C ILE B 10 13.04 -10.66 -0.13
N VAL B 11 13.58 -10.60 -1.34
CA VAL B 11 12.99 -11.29 -2.49
C VAL B 11 13.97 -12.36 -2.94
N VAL B 12 13.45 -13.51 -3.37
CA VAL B 12 14.25 -14.66 -3.77
C VAL B 12 14.09 -14.85 -5.27
N ILE B 13 15.21 -14.83 -6.00
CA ILE B 13 15.21 -14.88 -7.45
C ILE B 13 16.11 -16.02 -7.91
N GLY B 14 15.94 -16.40 -9.17
CA GLY B 14 16.76 -17.44 -9.76
C GLY B 14 15.98 -18.22 -10.80
N HIS B 15 16.74 -18.89 -11.67
CA HIS B 15 16.17 -19.69 -12.74
C HIS B 15 15.20 -20.72 -12.19
N VAL B 16 14.24 -21.12 -13.02
CA VAL B 16 13.28 -22.13 -12.58
C VAL B 16 14.01 -23.42 -12.25
N ASP B 17 13.49 -24.14 -11.25
CA ASP B 17 14.03 -25.39 -10.75
C ASP B 17 15.41 -25.25 -10.13
N SER B 18 15.85 -24.03 -9.83
CA SER B 18 17.15 -23.85 -9.19
C SER B 18 17.10 -24.13 -7.69
N GLY B 19 15.91 -24.14 -7.09
CA GLY B 19 15.76 -24.49 -5.70
C GLY B 19 15.22 -23.37 -4.83
N LYS B 20 14.61 -22.36 -5.45
CA LYS B 20 14.09 -21.23 -4.67
C LYS B 20 13.08 -21.69 -3.63
N SER B 21 12.13 -22.53 -4.03
CA SER B 21 11.10 -22.98 -3.10
C SER B 21 11.68 -23.83 -1.99
N THR B 22 12.50 -24.82 -2.35
CA THR B 22 13.08 -25.71 -1.36
C THR B 22 13.93 -24.93 -0.36
N THR B 23 14.73 -23.99 -0.85
CA THR B 23 15.64 -23.26 0.03
C THR B 23 14.88 -22.32 0.95
N THR B 24 13.84 -21.65 0.44
CA THR B 24 13.08 -20.72 1.27
C THR B 24 12.30 -21.47 2.34
N GLY B 25 11.63 -22.55 1.95
CA GLY B 25 10.85 -23.30 2.92
C GLY B 25 11.70 -23.93 4.01
N HIS B 26 12.84 -24.49 3.62
CA HIS B 26 13.75 -25.07 4.61
C HIS B 26 14.24 -24.00 5.57
N LEU B 27 14.49 -22.79 5.07
CA LEU B 27 14.88 -21.70 5.94
C LEU B 27 13.76 -21.33 6.91
N ILE B 28 12.52 -21.34 6.43
CA ILE B 28 11.37 -21.06 7.30
C ILE B 28 11.21 -22.15 8.36
N TYR B 29 11.34 -23.42 7.97
CA TYR B 29 11.29 -24.51 8.94
C TYR B 29 12.36 -24.34 10.01
N LYS B 30 13.61 -24.08 9.60
CA LYS B 30 14.73 -24.13 10.52
C LYS B 30 14.85 -22.90 11.42
N CYS B 31 14.20 -21.79 11.08
CA CYS B 31 14.30 -20.58 11.88
C CYS B 31 13.18 -20.43 12.90
N GLY B 32 12.27 -21.40 12.97
CA GLY B 32 11.32 -21.50 14.07
C GLY B 32 10.23 -20.45 14.13
N GLY B 33 10.03 -19.66 13.07
CA GLY B 33 8.93 -18.71 13.09
C GLY B 33 7.57 -19.36 13.04
N ILE B 34 7.50 -20.63 12.67
CA ILE B 34 6.26 -21.38 12.59
C ILE B 34 6.37 -22.57 13.54
N ASP B 35 5.36 -22.76 14.39
CA ASP B 35 5.42 -23.89 15.30
C ASP B 35 5.15 -25.19 14.54
N LYS B 36 5.43 -26.31 15.20
CA LYS B 36 5.39 -27.61 14.54
C LYS B 36 3.96 -27.97 14.12
N ARG B 37 3.00 -27.75 15.01
CA ARG B 37 1.61 -28.05 14.69
C ARG B 37 1.14 -27.28 13.46
N THR B 38 1.50 -26.00 13.37
CA THR B 38 1.08 -25.19 12.22
C THR B 38 1.70 -25.72 10.93
N ILE B 39 2.94 -26.20 10.99
CA ILE B 39 3.56 -26.76 9.80
C ILE B 39 2.84 -28.03 9.34
N GLU B 40 2.51 -28.91 10.30
CA GLU B 40 1.81 -30.13 9.94
C GLU B 40 0.44 -29.84 9.34
N LYS B 41 -0.24 -28.81 9.87
CA LYS B 41 -1.53 -28.41 9.31
C LYS B 41 -1.38 -27.98 7.85
N PHE B 42 -0.32 -27.22 7.54
CA PHE B 42 -0.16 -26.70 6.19
C PHE B 42 0.49 -27.70 5.25
N GLU B 43 1.29 -28.64 5.78
CA GLU B 43 1.73 -29.76 4.95
C GLU B 43 0.55 -30.64 4.57
N LYS B 44 -0.36 -30.87 5.51
CA LYS B 44 -1.52 -31.71 5.23
C LYS B 44 -2.45 -31.04 4.22
N GLU B 45 -2.65 -29.73 4.36
CA GLU B 45 -3.55 -29.03 3.44
C GLU B 45 -3.00 -29.07 2.01
N ALA B 46 -1.69 -28.90 1.86
CA ALA B 46 -1.08 -28.96 0.54
C ALA B 46 -1.25 -30.33 -0.09
N ALA B 47 -1.16 -31.39 0.72
CA ALA B 47 -1.37 -32.73 0.20
C ALA B 47 -2.84 -32.97 -0.15
N GLU B 48 -3.76 -32.47 0.68
CA GLU B 48 -5.18 -32.60 0.38
C GLU B 48 -5.57 -31.86 -0.89
N MET B 49 -4.77 -30.90 -1.33
CA MET B 49 -4.95 -30.29 -2.64
C MET B 49 -4.35 -31.13 -3.75
N GLY B 50 -3.63 -32.21 -3.42
CA GLY B 50 -3.04 -33.06 -4.43
C GLY B 50 -1.71 -32.53 -4.90
N LYS B 51 -1.65 -31.23 -5.16
CA LYS B 51 -0.45 -30.62 -5.73
C LYS B 51 0.71 -30.70 -4.75
N GLY B 52 1.91 -30.51 -5.29
CA GLY B 52 3.12 -30.45 -4.49
C GLY B 52 3.42 -31.72 -3.71
N SER B 53 3.23 -31.65 -2.39
CA SER B 53 3.56 -32.70 -1.43
C SER B 53 5.06 -32.99 -1.37
N PHE B 54 5.88 -32.21 -2.08
CA PHE B 54 7.31 -32.17 -1.79
C PHE B 54 7.53 -31.64 -0.38
N LYS B 55 8.71 -31.89 0.16
CA LYS B 55 9.09 -31.29 1.44
C LYS B 55 9.42 -29.81 1.23
N TYR B 56 9.00 -29.00 2.20
CA TYR B 56 9.30 -27.56 2.25
C TYR B 56 8.62 -26.76 1.15
N ALA B 57 7.97 -27.43 0.20
CA ALA B 57 7.52 -26.77 -1.01
C ALA B 57 6.35 -25.82 -0.78
N TRP B 58 5.42 -26.17 0.13
CA TRP B 58 4.22 -25.36 0.33
C TRP B 58 4.52 -23.94 0.79
N VAL B 59 5.68 -23.70 1.40
CA VAL B 59 5.96 -22.39 1.98
C VAL B 59 5.96 -21.31 0.90
N LEU B 60 6.75 -21.51 -0.16
CA LEU B 60 6.84 -20.47 -1.18
C LEU B 60 5.66 -20.48 -2.13
N ASP B 61 5.07 -21.66 -2.37
CA ASP B 61 3.85 -21.71 -3.16
C ASP B 61 2.69 -20.99 -2.47
N LYS B 62 2.64 -21.04 -1.14
CA LYS B 62 1.61 -20.29 -0.44
C LYS B 62 1.89 -18.79 -0.50
N LEU B 63 3.16 -18.39 -0.39
CA LEU B 63 3.50 -16.98 -0.45
C LEU B 63 3.12 -16.38 -1.81
N LYS B 64 3.56 -17.02 -2.90
CA LYS B 64 3.23 -16.53 -4.24
C LYS B 64 1.72 -16.38 -4.41
N ALA B 65 0.94 -17.35 -3.91
CA ALA B 65 -0.51 -17.31 -4.08
C ALA B 65 -1.14 -16.18 -3.29
N GLU B 66 -0.57 -15.81 -2.16
CA GLU B 66 -1.12 -14.76 -1.33
C GLU B 66 -0.55 -13.38 -1.65
N ARG B 67 0.36 -13.29 -2.62
CA ARG B 67 0.88 -12.01 -3.11
C ARG B 67 0.18 -11.56 -4.38
N GLU B 68 -0.98 -12.15 -4.70
CA GLU B 68 -1.70 -11.85 -5.92
C GLU B 68 -2.66 -10.68 -5.69
N ARG B 69 -3.55 -10.44 -6.65
CA ARG B 69 -4.60 -9.44 -6.48
C ARG B 69 -5.37 -9.69 -5.18
N GLY B 70 -5.70 -8.62 -4.48
CA GLY B 70 -6.33 -8.73 -3.18
C GLY B 70 -5.45 -8.18 -2.08
N ILE B 71 -5.63 -8.66 -0.86
CA ILE B 71 -4.89 -8.13 0.29
C ILE B 71 -3.87 -9.15 0.75
N THR B 72 -2.94 -8.66 1.57
CA THR B 72 -2.20 -9.50 2.49
C THR B 72 -2.87 -9.40 3.85
N ILE B 73 -3.26 -10.55 4.39
CA ILE B 73 -3.94 -10.57 5.68
C ILE B 73 -2.95 -10.74 6.83
N ASP B 74 -1.96 -11.61 6.65
CA ASP B 74 -0.91 -11.83 7.62
C ASP B 74 0.29 -12.40 6.87
N ILE B 75 1.48 -11.88 7.18
CA ILE B 75 2.71 -12.32 6.54
C ILE B 75 3.69 -12.93 7.54
N SER B 76 3.25 -13.19 8.78
CA SER B 76 4.16 -13.66 9.81
C SER B 76 4.69 -15.06 9.53
N LEU B 77 4.06 -15.81 8.62
CA LEU B 77 4.58 -17.13 8.27
C LEU B 77 5.89 -17.06 7.51
N TRP B 78 6.17 -15.95 6.84
CA TRP B 78 7.39 -15.79 6.07
C TRP B 78 8.33 -14.79 6.70
N LYS B 79 8.17 -14.53 7.99
CA LYS B 79 9.06 -13.68 8.75
C LYS B 79 9.86 -14.56 9.70
N PHE B 80 11.18 -14.41 9.68
CA PHE B 80 12.06 -15.07 10.64
C PHE B 80 13.03 -14.07 11.22
N GLU B 81 13.51 -14.38 12.40
CA GLU B 81 14.38 -13.48 13.15
C GLU B 81 15.82 -13.96 13.06
N THR B 82 16.73 -13.04 12.78
CA THR B 82 18.15 -13.29 12.86
C THR B 82 18.72 -12.50 14.05
N THR B 83 20.04 -12.46 14.16
CA THR B 83 20.67 -11.82 15.31
C THR B 83 20.38 -10.32 15.34
N LYS B 84 20.26 -9.67 14.18
CA LYS B 84 20.04 -8.24 14.14
C LYS B 84 18.90 -7.79 13.23
N TYR B 85 18.12 -8.71 12.66
CA TYR B 85 17.12 -8.32 11.68
C TYR B 85 15.88 -9.19 11.79
N TYR B 86 14.72 -8.55 11.67
CA TYR B 86 13.50 -9.23 11.28
C TYR B 86 13.47 -9.31 9.77
N ILE B 87 13.37 -10.52 9.21
CA ILE B 87 13.50 -10.72 7.78
C ILE B 87 12.23 -11.37 7.26
N THR B 88 11.56 -10.70 6.32
CA THR B 88 10.36 -11.22 5.69
C THR B 88 10.65 -11.56 4.23
N ILE B 89 10.21 -12.74 3.79
CA ILE B 89 10.25 -13.10 2.38
C ILE B 89 9.04 -12.46 1.72
N ILE B 90 9.26 -11.43 0.91
CA ILE B 90 8.15 -10.61 0.45
C ILE B 90 7.58 -11.05 -0.89
N ASP B 91 8.34 -11.78 -1.71
CA ASP B 91 7.86 -12.17 -3.03
C ASP B 91 8.87 -13.14 -3.65
N ALA B 92 8.50 -13.64 -4.84
CA ALA B 92 9.30 -14.58 -5.63
C ALA B 92 8.71 -14.72 -7.03
N PRO B 93 9.52 -15.03 -8.04
CA PRO B 93 8.98 -15.21 -9.39
C PRO B 93 8.29 -16.56 -9.56
N GLY B 94 7.33 -16.58 -10.48
CA GLY B 94 6.60 -17.79 -10.77
C GLY B 94 5.11 -17.66 -10.53
N HIS B 95 4.60 -16.43 -10.50
CA HIS B 95 3.17 -16.21 -10.32
C HIS B 95 2.76 -14.94 -11.06
N ARG B 96 1.46 -14.83 -11.31
CA ARG B 96 0.95 -13.90 -12.32
C ARG B 96 1.36 -12.46 -12.04
N ASP B 97 1.32 -12.02 -10.79
CA ASP B 97 1.51 -10.62 -10.46
C ASP B 97 2.92 -10.32 -9.97
N PHE B 98 3.91 -11.13 -10.33
CA PHE B 98 5.26 -10.93 -9.83
C PHE B 98 5.85 -9.62 -10.34
N ILE B 99 5.94 -9.47 -11.66
CA ILE B 99 6.54 -8.27 -12.25
C ILE B 99 5.75 -7.04 -11.86
N LYS B 100 4.42 -7.15 -11.82
CA LYS B 100 3.58 -6.02 -11.42
C LYS B 100 3.93 -5.56 -10.00
N ASN B 101 4.07 -6.52 -9.07
CA ASN B 101 4.43 -6.17 -7.71
C ASN B 101 5.80 -5.52 -7.65
N MET B 102 6.76 -6.06 -8.40
CA MET B 102 8.11 -5.49 -8.42
C MET B 102 8.10 -4.07 -8.97
N ILE B 103 7.45 -3.87 -10.11
CA ILE B 103 7.44 -2.56 -10.75
C ILE B 103 6.67 -1.55 -9.90
N THR B 104 5.44 -1.90 -9.51
CA THR B 104 4.63 -0.97 -8.73
C THR B 104 5.25 -0.71 -7.36
N GLY B 105 6.01 -1.66 -6.84
CA GLY B 105 6.61 -1.52 -5.54
C GLY B 105 5.77 -2.01 -4.39
N THR B 106 4.66 -2.71 -4.66
CA THR B 106 3.93 -3.35 -3.57
C THR B 106 4.80 -4.40 -2.88
N SER B 107 5.73 -4.98 -3.63
CA SER B 107 6.77 -5.86 -3.09
C SER B 107 8.08 -5.10 -3.22
N GLN B 108 8.53 -4.48 -2.13
CA GLN B 108 9.77 -3.73 -2.08
C GLN B 108 10.80 -4.54 -1.30
N ALA B 109 11.93 -4.84 -1.93
CA ALA B 109 12.98 -5.64 -1.34
C ALA B 109 14.18 -4.78 -0.96
N ASP B 110 14.73 -5.03 0.23
CA ASP B 110 15.97 -4.40 0.66
C ASP B 110 17.20 -5.19 0.22
N CYS B 111 17.03 -6.46 -0.11
CA CYS B 111 18.11 -7.30 -0.60
C CYS B 111 17.48 -8.43 -1.42
N ALA B 112 18.26 -8.98 -2.34
CA ALA B 112 17.81 -10.05 -3.21
C ALA B 112 18.70 -11.26 -3.01
N VAL B 113 18.07 -12.42 -2.81
CA VAL B 113 18.79 -13.69 -2.70
C VAL B 113 18.69 -14.37 -4.05
N LEU B 114 19.82 -14.46 -4.75
CA LEU B 114 19.87 -15.09 -6.08
C LEU B 114 20.32 -16.54 -5.93
N ILE B 115 19.39 -17.46 -6.07
CA ILE B 115 19.70 -18.89 -6.04
C ILE B 115 20.27 -19.31 -7.38
N VAL B 116 21.32 -20.13 -7.35
CA VAL B 116 21.98 -20.61 -8.55
C VAL B 116 22.31 -22.07 -8.36
N ALA B 117 21.80 -22.93 -9.24
CA ALA B 117 22.00 -24.37 -9.12
C ALA B 117 23.37 -24.77 -9.62
N ALA B 118 23.96 -25.79 -8.98
CA ALA B 118 25.34 -26.16 -9.24
C ALA B 118 25.52 -27.48 -9.96
N GLY B 119 24.45 -28.24 -10.20
CA GLY B 119 24.58 -29.50 -10.89
C GLY B 119 25.08 -29.31 -12.32
N VAL B 120 25.59 -30.41 -12.88
CA VAL B 120 26.01 -30.41 -14.27
C VAL B 120 24.84 -30.00 -15.15
N GLY B 121 25.04 -28.96 -15.95
CA GLY B 121 24.03 -28.47 -16.87
C GLY B 121 23.09 -27.44 -16.28
N GLU B 122 22.68 -27.63 -15.03
CA GLU B 122 21.73 -26.71 -14.41
C GLU B 122 22.27 -25.27 -14.41
N PHE B 123 23.54 -25.10 -14.02
CA PHE B 123 24.09 -23.75 -13.94
C PHE B 123 24.21 -23.11 -15.31
N GLU B 124 24.83 -23.82 -16.26
CA GLU B 124 25.03 -23.26 -17.60
C GLU B 124 23.70 -22.95 -18.29
N ALA B 125 22.61 -23.60 -17.87
CA ALA B 125 21.31 -23.33 -18.48
C ALA B 125 20.72 -22.01 -17.98
N GLY B 126 20.80 -21.76 -16.66
CA GLY B 126 20.28 -20.52 -16.12
C GLY B 126 21.11 -19.31 -16.45
N ILE B 127 22.40 -19.49 -16.76
CA ILE B 127 23.28 -18.36 -17.06
C ILE B 127 23.39 -18.11 -18.55
N SER B 128 22.75 -18.93 -19.38
CA SER B 128 22.77 -18.75 -20.82
C SER B 128 21.80 -17.64 -21.22
N LYS B 129 21.72 -17.38 -22.53
CA LYS B 129 20.80 -16.36 -23.03
C LYS B 129 19.35 -16.76 -22.80
N ASN B 130 19.07 -18.06 -22.71
CA ASN B 130 17.72 -18.54 -22.43
C ASN B 130 17.38 -18.54 -20.95
N GLY B 131 18.34 -18.28 -20.07
CA GLY B 131 18.14 -18.44 -18.65
C GLY B 131 17.78 -17.13 -17.94
N GLN B 132 17.26 -17.28 -16.72
CA GLN B 132 16.76 -16.14 -15.94
C GLN B 132 17.74 -15.64 -14.88
N THR B 133 18.87 -16.31 -14.67
CA THR B 133 19.82 -15.85 -13.67
C THR B 133 20.27 -14.42 -13.96
N ARG B 134 20.64 -14.14 -15.21
CA ARG B 134 21.07 -12.80 -15.57
C ARG B 134 19.89 -11.84 -15.64
N GLU B 135 18.74 -12.32 -16.12
CA GLU B 135 17.57 -11.46 -16.20
C GLU B 135 17.08 -11.04 -14.83
N HIS B 136 17.05 -11.98 -13.87
CA HIS B 136 16.64 -11.64 -12.51
C HIS B 136 17.63 -10.70 -11.85
N ALA B 137 18.93 -10.93 -12.06
CA ALA B 137 19.93 -10.04 -11.50
C ALA B 137 19.78 -8.63 -12.07
N LEU B 138 19.54 -8.53 -13.38
CA LEU B 138 19.36 -7.22 -13.99
C LEU B 138 18.08 -6.55 -13.49
N LEU B 139 17.01 -7.33 -13.32
CA LEU B 139 15.78 -6.77 -12.78
C LEU B 139 15.99 -6.23 -11.36
N ALA B 140 16.69 -6.99 -10.52
CA ALA B 140 16.97 -6.53 -9.16
C ALA B 140 17.77 -5.23 -9.17
N TYR B 141 18.73 -5.11 -10.09
CA TYR B 141 19.49 -3.87 -10.19
C TYR B 141 18.64 -2.73 -10.73
N THR B 142 17.79 -3.02 -11.72
CA THR B 142 16.90 -2.01 -12.27
C THR B 142 16.02 -1.39 -11.19
N LEU B 143 15.60 -2.19 -10.21
CA LEU B 143 14.75 -1.71 -9.12
C LEU B 143 15.54 -1.12 -7.96
N GLY B 144 16.85 -0.99 -8.08
CA GLY B 144 17.61 -0.39 -7.01
C GLY B 144 17.88 -1.29 -5.83
N VAL B 145 17.61 -2.59 -5.96
CA VAL B 145 18.03 -3.55 -4.94
C VAL B 145 19.54 -3.73 -5.11
N LYS B 146 20.31 -2.86 -4.47
CA LYS B 146 21.76 -2.86 -4.67
C LYS B 146 22.50 -3.66 -3.61
N GLN B 147 21.78 -4.56 -2.92
CA GLN B 147 22.38 -5.57 -2.06
C GLN B 147 21.95 -6.93 -2.60
N LEU B 148 22.92 -7.81 -2.83
CA LEU B 148 22.65 -9.10 -3.47
C LEU B 148 23.41 -10.19 -2.75
N ILE B 149 22.74 -11.30 -2.46
CA ILE B 149 23.34 -12.50 -1.92
C ILE B 149 23.14 -13.61 -2.92
N VAL B 150 24.22 -14.30 -3.29
CA VAL B 150 24.18 -15.39 -4.25
C VAL B 150 24.33 -16.69 -3.48
N GLY B 151 23.29 -17.51 -3.51
CA GLY B 151 23.36 -18.83 -2.91
C GLY B 151 23.57 -19.91 -3.95
N VAL B 152 24.80 -20.42 -4.03
CA VAL B 152 25.11 -21.52 -4.94
C VAL B 152 24.49 -22.79 -4.39
N ASN B 153 23.32 -23.15 -4.90
CA ASN B 153 22.50 -24.22 -4.35
C ASN B 153 22.82 -25.56 -5.02
N LYS B 154 22.33 -26.64 -4.40
CA LYS B 154 22.44 -28.01 -4.90
C LYS B 154 23.88 -28.50 -4.90
N MET B 155 24.69 -28.03 -3.95
CA MET B 155 26.08 -28.47 -3.86
C MET B 155 26.21 -29.97 -3.63
N ASP B 156 25.16 -30.63 -3.13
CA ASP B 156 25.21 -32.07 -2.95
C ASP B 156 25.20 -32.82 -4.28
N SER B 157 24.70 -32.20 -5.34
CA SER B 157 24.50 -32.88 -6.62
C SER B 157 25.62 -32.62 -7.62
N THR B 158 26.70 -31.95 -7.21
CA THR B 158 27.83 -31.77 -8.11
C THR B 158 28.58 -33.10 -8.27
N GLU B 159 29.48 -33.13 -9.23
CA GLU B 159 30.30 -34.31 -9.48
C GLU B 159 31.78 -33.95 -9.38
N PRO B 160 32.50 -34.40 -8.33
CA PRO B 160 31.95 -35.17 -7.20
C PRO B 160 31.11 -34.31 -6.28
N ALA B 161 30.45 -34.93 -5.30
CA ALA B 161 29.54 -34.20 -4.43
C ALA B 161 30.27 -33.15 -3.62
N TYR B 162 29.67 -31.97 -3.49
CA TYR B 162 30.22 -30.86 -2.71
C TYR B 162 31.57 -30.42 -3.27
N SER B 163 31.62 -30.27 -4.59
CA SER B 163 32.87 -30.01 -5.30
C SER B 163 33.27 -28.55 -5.16
N GLU B 164 34.46 -28.32 -4.61
CA GLU B 164 34.98 -26.95 -4.54
C GLU B 164 35.31 -26.41 -5.92
N LYS B 165 35.92 -27.25 -6.77
CA LYS B 165 36.23 -26.83 -8.13
C LYS B 165 35.00 -26.29 -8.84
N ARG B 166 33.85 -26.95 -8.65
CA ARG B 166 32.60 -26.50 -9.25
C ARG B 166 32.16 -25.16 -8.65
N TYR B 167 32.18 -25.06 -7.32
CA TYR B 167 31.74 -23.83 -6.67
C TYR B 167 32.58 -22.63 -7.10
N ASP B 168 33.90 -22.81 -7.22
CA ASP B 168 34.76 -21.72 -7.63
C ASP B 168 34.46 -21.28 -9.08
N GLU B 169 34.20 -22.26 -9.95
CA GLU B 169 33.87 -21.95 -11.33
C GLU B 169 32.59 -21.13 -11.43
N ILE B 170 31.58 -21.48 -10.64
CA ILE B 170 30.32 -20.76 -10.66
C ILE B 170 30.50 -19.33 -10.13
N VAL B 171 31.31 -19.18 -9.08
CA VAL B 171 31.56 -17.85 -8.52
C VAL B 171 32.25 -16.96 -9.55
N LYS B 172 33.23 -17.50 -10.27
CA LYS B 172 33.97 -16.68 -11.22
C LYS B 172 33.07 -16.19 -12.36
N GLU B 173 32.19 -17.05 -12.86
CA GLU B 173 31.36 -16.66 -13.99
C GLU B 173 30.21 -15.74 -13.57
N VAL B 174 29.58 -16.03 -12.43
CA VAL B 174 28.51 -15.17 -11.95
C VAL B 174 29.05 -13.79 -11.60
N SER B 175 30.24 -13.74 -11.00
CA SER B 175 30.82 -12.44 -10.64
C SER B 175 31.01 -11.57 -11.86
N ALA B 176 31.54 -12.14 -12.95
CA ALA B 176 31.77 -11.36 -14.16
C ALA B 176 30.47 -10.83 -14.75
N TYR B 177 29.39 -11.62 -14.65
CA TYR B 177 28.12 -11.21 -15.25
C TYR B 177 27.45 -10.12 -14.43
N ILE B 178 27.38 -10.29 -13.10
CA ILE B 178 26.78 -9.27 -12.27
C ILE B 178 27.63 -8.00 -12.23
N LYS B 179 28.91 -8.10 -12.58
CA LYS B 179 29.76 -6.92 -12.64
C LYS B 179 29.36 -6.01 -13.78
N LYS B 180 29.11 -6.58 -14.97
CA LYS B 180 28.62 -5.80 -16.09
C LYS B 180 27.25 -5.20 -15.81
N ILE B 181 26.42 -5.92 -15.04
CA ILE B 181 25.09 -5.42 -14.71
C ILE B 181 25.17 -4.14 -13.88
N GLY B 182 26.16 -4.07 -12.99
CA GLY B 182 26.31 -2.89 -12.16
C GLY B 182 26.77 -3.20 -10.74
N TYR B 183 26.57 -4.43 -10.30
CA TYR B 183 27.00 -4.83 -8.97
C TYR B 183 28.52 -4.91 -8.90
N ASN B 184 29.06 -4.56 -7.72
CA ASN B 184 30.45 -4.83 -7.42
C ASN B 184 30.52 -6.21 -6.79
N PRO B 185 31.08 -7.22 -7.48
CA PRO B 185 31.04 -8.59 -6.94
C PRO B 185 31.85 -8.77 -5.67
N ALA B 186 32.64 -7.78 -5.26
CA ALA B 186 33.34 -7.84 -3.99
C ALA B 186 32.41 -7.58 -2.81
N THR B 187 31.26 -6.96 -3.05
CA THR B 187 30.29 -6.73 -1.99
C THR B 187 29.27 -7.86 -1.87
N VAL B 188 29.31 -8.84 -2.75
CA VAL B 188 28.27 -9.87 -2.85
C VAL B 188 28.80 -11.15 -2.22
N PRO B 189 28.19 -11.66 -1.15
CA PRO B 189 28.62 -12.96 -0.62
C PRO B 189 28.08 -14.11 -1.44
N PHE B 190 28.96 -15.08 -1.72
CA PHE B 190 28.61 -16.32 -2.40
C PHE B 190 28.62 -17.45 -1.38
N VAL B 191 27.45 -18.01 -1.09
CA VAL B 191 27.32 -19.03 -0.05
C VAL B 191 26.99 -20.36 -0.72
N PRO B 192 27.86 -21.37 -0.64
CA PRO B 192 27.50 -22.71 -1.12
C PRO B 192 26.57 -23.37 -0.12
N ILE B 193 25.43 -23.88 -0.61
CA ILE B 193 24.38 -24.41 0.25
C ILE B 193 23.76 -25.63 -0.41
N SER B 194 22.89 -26.28 0.34
CA SER B 194 21.99 -27.30 -0.18
C SER B 194 20.63 -27.07 0.47
N GLY B 195 19.70 -26.50 -0.29
CA GLY B 195 18.37 -26.25 0.22
C GLY B 195 17.67 -27.51 0.68
N TRP B 196 17.91 -28.63 0.00
CA TRP B 196 17.27 -29.89 0.37
C TRP B 196 17.80 -30.41 1.70
N HIS B 197 19.12 -30.57 1.81
CA HIS B 197 19.69 -31.17 3.00
C HIS B 197 19.96 -30.16 4.12
N GLY B 198 20.07 -28.87 3.80
CA GLY B 198 20.29 -27.85 4.80
C GLY B 198 21.73 -27.39 4.94
N ASP B 199 22.66 -28.00 4.21
CA ASP B 199 24.08 -27.71 4.28
C ASP B 199 24.35 -26.21 4.24
N ASN B 200 25.00 -25.71 5.29
CA ASN B 200 25.56 -24.34 5.34
C ASN B 200 24.47 -23.27 5.27
N MET B 201 23.27 -23.59 5.72
CA MET B 201 22.22 -22.58 5.76
C MET B 201 22.15 -21.87 7.11
N LEU B 202 22.19 -22.63 8.20
CA LEU B 202 22.20 -22.06 9.55
C LEU B 202 23.51 -22.28 10.28
N GLU B 203 24.37 -23.15 9.78
CA GLU B 203 25.64 -23.49 10.41
C GLU B 203 26.50 -24.20 9.38
N PRO B 204 27.83 -24.20 9.57
CA PRO B 204 28.71 -24.83 8.59
C PRO B 204 28.36 -26.29 8.34
N SER B 205 28.60 -26.73 7.12
CA SER B 205 28.29 -28.09 6.72
C SER B 205 29.51 -28.99 6.87
N PRO B 206 29.39 -30.13 7.54
CA PRO B 206 30.48 -31.11 7.53
C PRO B 206 30.85 -31.58 6.14
N ASN B 207 29.94 -31.47 5.17
CA ASN B 207 30.21 -31.90 3.80
C ASN B 207 31.09 -30.94 3.03
N MET B 208 31.32 -29.73 3.52
CA MET B 208 32.18 -28.75 2.87
C MET B 208 33.21 -28.21 3.85
N PRO B 209 34.16 -29.05 4.28
CA PRO B 209 35.27 -28.53 5.10
C PRO B 209 36.23 -27.65 4.32
N TRP B 210 36.23 -27.73 2.99
CA TRP B 210 37.04 -26.85 2.17
C TRP B 210 36.55 -25.40 2.20
N PHE B 211 35.27 -25.18 2.46
CA PHE B 211 34.72 -23.83 2.44
C PHE B 211 35.06 -23.14 3.75
N LYS B 212 36.00 -22.19 3.69
CA LYS B 212 36.41 -21.45 4.87
C LYS B 212 35.47 -20.30 5.19
N GLY B 213 34.74 -19.82 4.20
CA GLY B 213 33.73 -18.80 4.38
C GLY B 213 33.76 -17.78 3.25
N TRP B 214 32.74 -16.95 3.22
CA TRP B 214 32.66 -15.85 2.27
C TRP B 214 33.16 -14.56 2.90
N LYS B 215 33.47 -13.60 2.06
CA LYS B 215 33.95 -12.29 2.51
C LYS B 215 33.38 -11.21 1.60
N VAL B 216 33.09 -10.05 2.18
CA VAL B 216 32.61 -8.90 1.44
C VAL B 216 33.42 -7.68 1.82
N GLU B 217 33.76 -6.87 0.83
CA GLU B 217 34.47 -5.61 1.03
C GLU B 217 33.56 -4.47 0.61
N ARG B 218 33.46 -3.44 1.43
CA ARG B 218 32.64 -2.29 1.13
C ARG B 218 33.06 -1.13 2.03
N LYS B 219 32.81 0.10 1.55
CA LYS B 219 33.22 1.28 2.31
C LYS B 219 32.55 1.32 3.68
N GLU B 220 31.39 0.69 3.81
CA GLU B 220 30.61 0.72 5.04
C GLU B 220 31.05 -0.32 6.06
N GLY B 221 32.12 -1.06 5.77
CA GLY B 221 32.62 -2.06 6.69
C GLY B 221 32.66 -3.47 6.13
N ASN B 222 33.84 -4.08 6.12
CA ASN B 222 33.96 -5.45 5.65
C ASN B 222 33.26 -6.42 6.59
N ALA B 223 32.94 -7.60 6.06
CA ALA B 223 32.25 -8.62 6.84
C ALA B 223 32.66 -9.99 6.33
N SER B 224 32.48 -10.99 7.20
CA SER B 224 32.85 -12.36 6.87
C SER B 224 31.90 -13.31 7.57
N GLY B 225 31.76 -14.49 6.99
CA GLY B 225 30.88 -15.51 7.56
C GLY B 225 30.95 -16.77 6.74
N VAL B 226 30.19 -17.78 7.18
CA VAL B 226 30.18 -19.10 6.57
C VAL B 226 28.79 -19.49 6.09
N SER B 227 27.79 -19.32 6.94
CA SER B 227 26.44 -19.80 6.66
C SER B 227 25.64 -18.76 5.87
N LEU B 228 24.56 -19.23 5.26
CA LEU B 228 23.63 -18.32 4.59
C LEU B 228 23.04 -17.33 5.57
N LEU B 229 22.74 -17.79 6.79
CA LEU B 229 22.14 -16.91 7.78
C LEU B 229 23.07 -15.76 8.14
N GLU B 230 24.38 -16.02 8.22
CA GLU B 230 25.34 -14.96 8.47
C GLU B 230 25.31 -13.93 7.34
N ALA B 231 25.18 -14.39 6.10
CA ALA B 231 25.12 -13.47 4.97
C ALA B 231 23.90 -12.56 5.06
N LEU B 232 22.78 -13.09 5.55
CA LEU B 232 21.59 -12.27 5.72
C LEU B 232 21.79 -11.20 6.77
N ASP B 233 22.69 -11.42 7.74
CA ASP B 233 22.95 -10.43 8.79
C ASP B 233 23.89 -9.32 8.33
N THR B 234 24.54 -9.47 7.18
CA THR B 234 25.37 -8.41 6.64
C THR B 234 24.60 -7.45 5.73
N ILE B 235 23.29 -7.65 5.58
CA ILE B 235 22.48 -6.71 4.80
C ILE B 235 22.55 -5.34 5.45
N LEU B 236 22.86 -4.32 4.65
CA LEU B 236 22.94 -2.97 5.17
C LEU B 236 21.55 -2.34 5.23
N PRO B 237 21.26 -1.55 6.27
CA PRO B 237 19.92 -0.99 6.44
C PRO B 237 19.55 -0.07 5.30
N PRO B 238 18.25 0.28 5.15
CA PRO B 238 17.85 1.20 4.08
C PRO B 238 18.58 2.53 4.12
N THR B 239 19.40 2.78 3.09
CA THR B 239 20.21 3.98 2.99
C THR B 239 19.34 5.24 2.95
N ARG B 240 19.38 6.03 4.02
CA ARG B 240 18.64 7.29 4.06
C ARG B 240 19.12 8.21 2.94
N PRO B 241 18.22 8.79 2.14
CA PRO B 241 18.65 9.54 0.94
C PRO B 241 19.29 10.87 1.26
N THR B 242 19.54 11.13 2.55
CA THR B 242 20.26 12.34 2.95
C THR B 242 21.64 12.39 2.30
N ASP B 243 22.22 11.23 2.00
CA ASP B 243 23.54 11.19 1.37
C ASP B 243 23.49 11.56 -0.11
N LYS B 244 22.33 11.44 -0.75
CA LYS B 244 22.21 11.66 -2.19
C LYS B 244 22.17 13.14 -2.50
N PRO B 245 22.36 13.52 -3.77
CA PRO B 245 22.21 14.92 -4.15
C PRO B 245 20.76 15.37 -4.10
N LEU B 246 20.57 16.69 -4.14
CA LEU B 246 19.25 17.26 -3.97
C LEU B 246 18.36 16.94 -5.17
N ARG B 247 17.14 16.50 -4.89
CA ARG B 247 16.07 16.39 -5.88
C ARG B 247 14.79 16.85 -5.23
N LEU B 248 14.17 17.89 -5.79
CA LEU B 248 12.97 18.48 -5.23
C LEU B 248 11.98 18.77 -6.34
N PRO B 249 11.15 17.78 -6.70
CA PRO B 249 10.10 18.04 -7.70
C PRO B 249 9.05 18.99 -7.14
N LEU B 250 8.75 20.03 -7.92
CA LEU B 250 7.84 21.08 -7.51
C LEU B 250 6.39 20.60 -7.59
N GLN B 251 5.63 20.83 -6.52
CA GLN B 251 4.20 20.53 -6.50
C GLN B 251 3.38 21.73 -6.96
N ASP B 252 3.68 22.90 -6.42
CA ASP B 252 2.99 24.13 -6.77
C ASP B 252 4.01 25.26 -6.71
N VAL B 253 3.69 26.36 -7.40
CA VAL B 253 4.52 27.56 -7.39
C VAL B 253 3.60 28.75 -7.17
N TYR B 254 3.68 29.36 -5.98
CA TYR B 254 2.86 30.50 -5.61
C TYR B 254 3.66 31.80 -5.70
N LYS B 255 2.95 32.89 -5.93
CA LYS B 255 3.47 34.24 -5.71
C LYS B 255 2.85 34.78 -4.43
N ILE B 256 3.69 35.28 -3.53
CA ILE B 256 3.26 35.75 -2.22
C ILE B 256 3.69 37.19 -2.06
N GLY B 257 2.75 38.06 -1.70
CA GLY B 257 3.00 39.47 -1.55
C GLY B 257 4.16 39.79 -0.63
N GLY B 258 5.10 40.59 -1.11
CA GLY B 258 6.23 41.00 -0.30
C GLY B 258 7.40 40.03 -0.41
N ILE B 259 7.12 38.73 -0.31
CA ILE B 259 8.14 37.71 -0.35
C ILE B 259 8.74 37.63 -1.75
N GLY B 260 7.96 37.13 -2.70
CA GLY B 260 8.42 36.93 -4.06
C GLY B 260 7.83 35.68 -4.67
N THR B 261 8.69 34.80 -5.17
CA THR B 261 8.26 33.52 -5.74
C THR B 261 8.64 32.40 -4.80
N VAL B 262 7.69 31.51 -4.53
CA VAL B 262 7.93 30.40 -3.62
C VAL B 262 7.35 29.12 -4.22
N PRO B 263 8.19 28.24 -4.77
CA PRO B 263 7.72 26.89 -5.11
C PRO B 263 7.57 26.04 -3.87
N VAL B 264 6.71 25.03 -3.98
CA VAL B 264 6.38 24.13 -2.88
C VAL B 264 6.56 22.70 -3.35
N GLY B 265 7.23 21.89 -2.54
CA GLY B 265 7.42 20.49 -2.86
C GLY B 265 8.01 19.65 -1.74
N POK B 266 8.00 18.34 -1.94
CA POK B 266 8.57 17.39 -0.97
C POK B 266 10.02 17.10 -1.40
O POK B 266 10.28 16.79 -2.56
CB POK B 266 7.75 16.07 -0.88
CG POK B 266 8.50 14.94 -0.20
CD POK B 266 7.61 13.70 -0.11
NE POK B 266 6.45 13.98 0.78
CZ POK B 266 5.97 13.09 1.71
NH1 POK B 266 6.56 11.84 1.90
NH2 POK B 266 4.87 13.42 2.51
CAA POK B 266 4.33 12.50 3.54
CMA POK B 266 3.70 13.26 4.69
OMA POK B 266 4.44 14.29 5.14
OMB POK B 266 2.63 13.03 5.22
N VAL B 267 10.95 17.23 -0.47
CA VAL B 267 12.34 16.88 -0.74
C VAL B 267 12.45 15.37 -0.84
N GLU B 268 12.87 14.87 -2.00
CA GLU B 268 12.93 13.44 -2.25
C GLU B 268 14.31 12.85 -2.00
N THR B 269 15.37 13.56 -2.38
CA THR B 269 16.73 13.16 -2.05
C THR B 269 17.53 14.40 -1.67
N GLY B 270 18.50 14.20 -0.78
CA GLY B 270 19.41 15.27 -0.41
C GLY B 270 18.82 16.26 0.58
N ILE B 271 19.60 17.31 0.84
CA ILE B 271 19.24 18.35 1.80
C ILE B 271 19.11 19.67 1.05
N LEU B 272 18.12 20.47 1.44
CA LEU B 272 17.94 21.82 0.95
C LEU B 272 18.03 22.78 2.13
N ARG B 273 19.06 23.63 2.12
CA ARG B 273 19.24 24.64 3.16
C ARG B 273 19.29 26.03 2.53
N PRO B 274 18.89 27.07 3.27
CA PRO B 274 18.92 28.43 2.70
C PRO B 274 20.33 28.85 2.35
N GLY B 275 20.48 29.41 1.14
CA GLY B 275 21.77 29.82 0.63
C GLY B 275 22.29 28.97 -0.51
N MET B 276 21.70 27.79 -0.75
CA MET B 276 22.13 26.96 -1.85
C MET B 276 21.88 27.66 -3.19
N VAL B 277 22.64 27.27 -4.19
CA VAL B 277 22.48 27.77 -5.56
C VAL B 277 21.87 26.60 -6.33
N VAL B 278 20.54 26.58 -6.40
CA VAL B 278 19.81 25.45 -6.95
C VAL B 278 19.65 25.65 -8.46
N THR B 279 19.37 24.54 -9.15
CA THR B 279 19.14 24.54 -10.59
C THR B 279 17.79 23.89 -10.87
N PHE B 280 16.98 24.53 -11.71
CA PHE B 280 15.64 24.05 -12.01
C PHE B 280 15.62 23.37 -13.38
N ALA B 281 15.32 22.09 -13.40
CA ALA B 281 15.13 21.35 -14.62
C ALA B 281 13.64 21.13 -14.89
N PRO B 282 13.21 21.08 -16.16
CA PRO B 282 14.01 21.17 -17.38
C PRO B 282 14.14 22.60 -17.95
N VAL B 283 13.76 23.61 -17.18
CA VAL B 283 13.85 24.99 -17.67
C VAL B 283 15.28 25.52 -17.66
N ASN B 284 16.16 24.94 -16.84
CA ASN B 284 17.57 25.32 -16.74
C ASN B 284 17.73 26.78 -16.30
N ILE B 285 17.26 27.04 -15.08
CA ILE B 285 17.52 28.29 -14.38
C ILE B 285 18.29 27.94 -13.11
N THR B 286 19.03 28.92 -12.59
CA THR B 286 19.92 28.68 -11.47
C THR B 286 19.84 29.88 -10.52
N THR B 287 19.48 29.62 -9.26
CA THR B 287 19.27 30.69 -8.29
C THR B 287 19.73 30.28 -6.90
N GLU B 288 19.93 31.28 -6.06
CA GLU B 288 20.06 31.07 -4.61
C GLU B 288 18.69 31.10 -3.96
N VAL B 289 18.49 30.23 -2.97
CA VAL B 289 17.24 30.20 -2.22
C VAL B 289 17.37 31.13 -1.00
N LYS B 290 16.39 32.01 -0.82
CA LYS B 290 16.49 33.03 0.22
C LYS B 290 16.03 32.50 1.58
N SER B 291 15.05 31.61 1.60
CA SER B 291 14.57 31.02 2.84
C SER B 291 13.78 29.75 2.51
N VAL B 292 13.60 28.92 3.52
CA VAL B 292 12.70 27.76 3.43
C VAL B 292 11.80 27.79 4.65
N GLU B 293 10.60 27.24 4.49
CA GLU B 293 9.62 27.19 5.56
C GLU B 293 8.80 25.92 5.44
N MET B 294 8.59 25.25 6.58
CA MET B 294 7.73 24.08 6.67
C MET B 294 6.69 24.34 7.75
N HIS B 295 5.42 24.18 7.38
CA HIS B 295 4.29 24.49 8.26
C HIS B 295 4.33 25.95 8.69
N HIS B 296 4.72 26.82 7.76
CA HIS B 296 4.74 28.27 7.93
C HIS B 296 5.72 28.74 9.00
N GLU B 297 6.54 27.84 9.54
CA GLU B 297 7.66 28.20 10.39
C GLU B 297 8.96 27.91 9.64
N ALA B 298 9.94 28.79 9.80
CA ALA B 298 11.18 28.66 9.05
C ALA B 298 11.97 27.44 9.52
N LEU B 299 12.69 26.83 8.58
CA LEU B 299 13.52 25.67 8.85
C LEU B 299 14.97 25.99 8.49
N SER B 300 15.90 25.39 9.23
CA SER B 300 17.32 25.61 8.97
C SER B 300 17.82 24.71 7.84
N GLU B 301 17.32 23.48 7.77
CA GLU B 301 17.61 22.58 6.66
C GLU B 301 16.44 21.63 6.49
N ALA B 302 16.21 21.20 5.24
CA ALA B 302 15.09 20.35 4.89
C ALA B 302 15.62 18.99 4.45
N LEU B 303 15.46 17.99 5.30
CA LEU B 303 15.90 16.63 5.01
C LEU B 303 14.86 15.93 4.14
N PRO B 304 15.18 14.75 3.61
CA PRO B 304 14.20 14.03 2.77
C PRO B 304 12.87 13.82 3.50
N GLY B 305 11.78 13.97 2.75
CA GLY B 305 10.45 13.69 3.24
C GLY B 305 9.62 14.90 3.60
N ASP B 306 10.24 16.06 3.79
CA ASP B 306 9.53 17.24 4.26
C ASP B 306 8.85 17.98 3.11
N ASN B 307 7.60 18.38 3.33
CA ASN B 307 6.86 19.20 2.37
C ASN B 307 7.15 20.67 2.70
N VAL B 308 8.04 21.28 1.94
CA VAL B 308 8.50 22.63 2.24
C VAL B 308 8.28 23.52 1.02
N GLY B 309 8.03 24.80 1.29
CA GLY B 309 8.12 25.84 0.29
C GLY B 309 9.39 26.63 0.53
N PHE B 310 9.93 27.21 -0.54
CA PHE B 310 11.21 27.91 -0.41
C PHE B 310 11.22 29.13 -1.31
N ASN B 311 11.77 30.22 -0.77
CA ASN B 311 11.81 31.51 -1.45
C ASN B 311 13.07 31.58 -2.32
N VAL B 312 12.88 31.84 -3.61
CA VAL B 312 13.98 31.98 -4.56
C VAL B 312 13.95 33.39 -5.13
N LYS B 313 15.11 33.85 -5.59
CA LYS B 313 15.29 35.22 -6.03
C LYS B 313 15.19 35.33 -7.55
N ASN B 314 14.83 36.51 -8.02
CA ASN B 314 14.93 36.94 -9.41
C ASN B 314 14.20 36.02 -10.40
N VAL B 315 13.39 35.08 -9.93
CA VAL B 315 12.67 34.15 -10.81
C VAL B 315 11.18 34.38 -10.63
N SER B 316 10.48 34.55 -11.75
CA SER B 316 9.04 34.82 -11.73
C SER B 316 8.26 33.51 -11.66
N VAL B 317 6.93 33.67 -11.50
CA VAL B 317 6.06 32.50 -11.42
C VAL B 317 5.80 31.89 -12.79
N LYS B 318 5.90 32.67 -13.86
CA LYS B 318 5.79 32.14 -15.20
C LYS B 318 7.04 31.39 -15.65
N ASP B 319 8.04 31.25 -14.77
CA ASP B 319 9.32 30.67 -15.15
C ASP B 319 9.52 29.25 -14.65
N ILE B 320 8.82 28.84 -13.59
CA ILE B 320 8.88 27.47 -13.08
C ILE B 320 7.47 26.99 -12.82
N ARG B 321 7.26 25.68 -12.97
CA ARG B 321 5.92 25.10 -12.92
C ARG B 321 5.94 23.83 -12.09
N ARG B 322 4.74 23.41 -11.70
CA ARG B 322 4.54 22.05 -11.20
C ARG B 322 5.06 21.06 -12.23
N GLY B 323 5.88 20.12 -11.76
CA GLY B 323 6.52 19.16 -12.62
C GLY B 323 7.99 19.44 -12.88
N ASN B 324 8.45 20.66 -12.62
CA ASN B 324 9.87 20.95 -12.69
C ASN B 324 10.58 20.32 -11.49
N VAL B 325 11.85 19.98 -11.69
CA VAL B 325 12.66 19.31 -10.68
C VAL B 325 13.76 20.26 -10.24
N CYS B 326 13.91 20.42 -8.94
CA CYS B 326 14.88 21.34 -8.36
C CYS B 326 15.99 20.56 -7.68
N GLY B 327 17.24 20.90 -8.02
CA GLY B 327 18.41 20.35 -7.37
C GLY B 327 19.51 21.38 -7.37
N ASP B 328 20.53 21.13 -6.55
CA ASP B 328 21.62 22.09 -6.44
C ASP B 328 22.62 21.89 -7.57
N SER B 329 23.32 22.96 -7.92
CA SER B 329 24.34 22.93 -8.94
C SER B 329 25.71 22.47 -8.44
N LYS B 330 25.84 22.27 -7.12
CA LYS B 330 27.07 21.75 -6.55
C LYS B 330 27.18 20.23 -6.65
N SER B 331 26.08 19.54 -6.95
CA SER B 331 26.05 18.08 -6.81
C SER B 331 25.02 17.51 -7.80
N ASP B 332 25.50 17.08 -8.97
CA ASP B 332 24.70 16.49 -10.06
C ASP B 332 23.39 17.24 -10.25
N PRO B 333 23.42 18.40 -10.91
CA PRO B 333 22.18 19.14 -11.14
C PRO B 333 21.27 18.37 -12.09
N PRO B 334 19.96 18.41 -11.87
CA PRO B 334 19.05 17.71 -12.78
C PRO B 334 19.07 18.32 -14.17
N GLN B 335 19.18 17.46 -15.17
CA GLN B 335 19.11 17.87 -16.57
C GLN B 335 17.78 17.45 -17.17
N GLU B 336 17.45 18.07 -18.30
CA GLU B 336 16.28 17.65 -19.07
C GLU B 336 16.51 16.28 -19.66
N ALA B 337 15.44 15.48 -19.72
CA ALA B 337 15.51 14.15 -20.30
C ALA B 337 15.26 14.25 -21.80
N ALA B 338 16.20 13.71 -22.59
CA ALA B 338 16.00 13.67 -24.03
C ALA B 338 15.20 12.44 -24.43
N GLN B 339 15.48 11.31 -23.78
CA GLN B 339 14.75 10.06 -23.96
C GLN B 339 15.16 9.12 -22.83
N PHE B 340 14.31 8.14 -22.56
CA PHE B 340 14.64 7.16 -21.54
C PHE B 340 14.03 5.81 -21.89
N THR B 341 14.79 4.76 -21.63
CA THR B 341 14.27 3.40 -21.69
C THR B 341 13.72 3.02 -20.32
N SER B 342 12.68 2.20 -20.31
CA SER B 342 12.05 1.81 -19.07
C SER B 342 11.46 0.42 -19.21
N GLN B 343 11.17 -0.19 -18.06
CA GLN B 343 10.50 -1.48 -18.01
C GLN B 343 9.09 -1.28 -17.50
N VAL B 344 8.10 -1.68 -18.30
CA VAL B 344 6.71 -1.41 -18.01
C VAL B 344 5.94 -2.72 -17.91
N ILE B 345 4.78 -2.65 -17.26
CA ILE B 345 3.79 -3.73 -17.26
C ILE B 345 2.50 -3.15 -17.80
N ILE B 346 1.93 -3.79 -18.82
CA ILE B 346 0.71 -3.31 -19.45
C ILE B 346 -0.49 -3.78 -18.63
N LEU B 347 -1.29 -2.84 -18.16
CA LEU B 347 -2.45 -3.16 -17.36
C LEU B 347 -3.69 -3.24 -18.25
N ASN B 348 -4.78 -3.73 -17.66
CA ASN B 348 -5.94 -4.13 -18.44
C ASN B 348 -6.41 -2.99 -19.32
N HIS B 349 -6.52 -3.27 -20.62
CA HIS B 349 -6.77 -2.32 -21.69
C HIS B 349 -7.00 -3.13 -22.96
N PRO B 350 -8.22 -3.17 -23.48
CA PRO B 350 -8.53 -4.12 -24.57
C PRO B 350 -7.72 -3.89 -25.84
N GLY B 351 -7.23 -2.69 -26.08
CA GLY B 351 -6.58 -2.37 -27.35
C GLY B 351 -5.18 -2.92 -27.50
N GLN B 352 -4.57 -2.59 -28.63
CA GLN B 352 -3.22 -3.03 -28.97
C GLN B 352 -2.30 -1.82 -28.99
N ILE B 353 -1.23 -1.87 -28.20
CA ILE B 353 -0.25 -0.81 -28.15
C ILE B 353 0.83 -1.09 -29.20
N SER B 354 0.95 -0.18 -30.16
CA SER B 354 2.00 -0.25 -31.17
C SER B 354 3.00 0.89 -30.95
N ALA B 355 4.15 0.76 -31.60
CA ALA B 355 5.14 1.84 -31.57
C ALA B 355 4.53 3.11 -32.14
N GLY B 356 4.73 4.23 -31.43
CA GLY B 356 4.10 5.49 -31.75
C GLY B 356 2.95 5.85 -30.84
N TYR B 357 2.43 4.89 -30.08
CA TYR B 357 1.41 5.14 -29.07
C TYR B 357 1.85 6.26 -28.14
N SER B 358 1.06 7.34 -28.11
CA SER B 358 1.43 8.52 -27.33
C SER B 358 0.42 8.72 -26.20
N PRO B 359 0.77 8.36 -24.97
CA PRO B 359 -0.12 8.64 -23.84
C PRO B 359 0.50 9.62 -22.85
N VAL B 360 -0.25 10.03 -21.83
CA VAL B 360 0.28 10.90 -20.78
C VAL B 360 1.09 10.07 -19.81
N ILE B 361 2.09 10.70 -19.19
CA ILE B 361 3.01 10.02 -18.28
C ILE B 361 3.01 10.80 -16.97
N ASP B 362 2.35 10.25 -15.95
CA ASP B 362 2.47 10.79 -14.60
C ASP B 362 3.78 10.29 -13.99
N CYS B 363 4.71 11.21 -13.71
CA CYS B 363 5.97 10.88 -13.09
C CYS B 363 6.31 11.96 -12.08
N HIS B 364 6.58 11.55 -10.84
CA HIS B 364 6.55 12.44 -9.67
C HIS B 364 5.45 13.47 -9.82
N THR B 365 5.78 14.75 -9.75
CA THR B 365 4.77 15.79 -9.93
C THR B 365 4.59 16.22 -11.38
N ALA B 366 5.38 15.66 -12.30
CA ALA B 366 5.23 15.98 -13.70
C ALA B 366 4.09 15.17 -14.33
N HIS B 367 3.67 15.61 -15.52
CA HIS B 367 2.47 15.07 -16.17
C HIS B 367 2.57 15.48 -17.64
N ILE B 368 3.19 14.62 -18.45
CA ILE B 368 3.68 15.00 -19.76
C ILE B 368 3.43 13.86 -20.74
N ALA B 369 3.00 14.21 -21.95
CA ALA B 369 2.76 13.22 -23.00
C ALA B 369 4.08 12.71 -23.58
N CYS B 370 4.21 11.39 -23.66
CA CYS B 370 5.39 10.75 -24.22
C CYS B 370 5.01 9.85 -25.38
N LYS B 371 6.00 9.52 -26.20
CA LYS B 371 5.85 8.65 -27.34
C LYS B 371 6.58 7.33 -27.07
N PHE B 372 5.87 6.22 -27.22
CA PHE B 372 6.53 4.92 -27.21
C PHE B 372 7.32 4.75 -28.50
N ALA B 373 8.56 5.20 -28.51
CA ALA B 373 9.38 5.17 -29.71
C ALA B 373 9.65 3.75 -30.19
N GLU B 374 10.10 2.89 -29.27
CA GLU B 374 10.29 1.48 -29.58
C GLU B 374 9.92 0.63 -28.64
N LEU B 375 9.44 -0.53 -29.07
CA LEU B 375 9.22 -1.66 -28.19
C LEU B 375 10.43 -2.58 -28.31
N LYS B 376 11.33 -2.52 -27.33
CA LYS B 376 12.61 -3.21 -27.46
C LYS B 376 12.51 -4.68 -27.10
N GLU B 377 11.81 -5.01 -26.01
CA GLU B 377 11.69 -6.40 -25.58
C GLU B 377 10.26 -6.65 -25.12
N LYS B 378 9.85 -7.92 -25.21
CA LYS B 378 8.59 -8.38 -24.65
C LYS B 378 8.91 -9.35 -23.52
N ILE B 379 8.46 -9.01 -22.32
CA ILE B 379 8.83 -9.72 -21.09
C ILE B 379 7.63 -10.51 -20.58
N ASP B 380 7.90 -11.67 -20.00
CA ASP B 380 6.88 -12.49 -19.35
C ASP B 380 6.67 -11.99 -17.92
N ARG B 381 5.43 -11.66 -17.58
CA ARG B 381 5.15 -11.02 -16.30
C ARG B 381 5.18 -11.99 -15.12
N ARG B 382 5.10 -13.30 -15.38
N ARG B 382 5.07 -13.29 -15.36
CA ARG B 382 5.15 -14.29 -14.32
CA ARG B 382 5.16 -14.25 -14.26
C ARG B 382 6.57 -14.51 -13.81
C ARG B 382 6.58 -14.46 -13.78
N SER B 383 7.57 -14.24 -14.64
CA SER B 383 8.96 -14.51 -14.27
C SER B 383 9.97 -13.47 -14.70
N GLY B 384 9.62 -12.49 -15.54
CA GLY B 384 10.62 -11.60 -16.10
C GLY B 384 11.39 -12.18 -17.27
N LYS B 385 11.07 -13.40 -17.69
CA LYS B 385 11.76 -14.00 -18.83
C LYS B 385 11.51 -13.21 -20.10
N LYS B 386 12.56 -12.99 -20.88
CA LYS B 386 12.40 -12.34 -22.18
C LYS B 386 11.73 -13.32 -23.15
N LEU B 387 10.75 -12.83 -23.88
CA LEU B 387 10.00 -13.65 -24.82
C LEU B 387 10.27 -13.36 -26.28
N GLU B 388 10.53 -12.10 -26.63
CA GLU B 388 10.63 -11.72 -28.04
C GLU B 388 11.41 -10.43 -28.18
N ASP B 389 12.34 -10.40 -29.13
CA ASP B 389 13.08 -9.19 -29.45
C ASP B 389 12.28 -8.30 -30.39
N ASN B 390 12.17 -7.02 -30.04
CA ASN B 390 11.48 -6.02 -30.84
C ASN B 390 10.09 -6.49 -31.23
N PRO B 391 9.15 -6.60 -30.29
CA PRO B 391 7.80 -7.03 -30.65
C PRO B 391 7.09 -5.99 -31.51
N LYS B 392 6.05 -6.44 -32.21
CA LYS B 392 5.26 -5.55 -33.04
C LYS B 392 4.17 -4.83 -32.25
N SER B 393 3.62 -5.45 -31.22
CA SER B 393 2.62 -4.81 -30.39
C SER B 393 2.66 -5.43 -28.99
N LEU B 394 2.01 -4.74 -28.06
CA LEU B 394 1.85 -5.22 -26.69
C LEU B 394 0.38 -5.18 -26.34
N LYS B 395 -0.08 -6.19 -25.62
CA LYS B 395 -1.46 -6.28 -25.16
C LYS B 395 -1.47 -6.33 -23.64
N SER B 396 -2.66 -6.54 -23.09
CA SER B 396 -2.80 -6.60 -21.65
C SER B 396 -2.03 -7.81 -21.10
N GLY B 397 -1.52 -7.66 -19.89
CA GLY B 397 -0.76 -8.72 -19.25
C GLY B 397 0.67 -8.86 -19.72
N ASP B 398 1.11 -8.08 -20.69
CA ASP B 398 2.49 -8.12 -21.15
C ASP B 398 3.35 -7.14 -20.36
N ALA B 399 4.61 -7.49 -20.17
CA ALA B 399 5.63 -6.57 -19.71
C ALA B 399 6.59 -6.31 -20.85
N ALA B 400 7.32 -5.19 -20.77
CA ALA B 400 8.15 -4.82 -21.91
C ALA B 400 9.23 -3.84 -21.49
N ILE B 401 10.24 -3.74 -22.36
CA ILE B 401 11.22 -2.66 -22.34
C ILE B 401 10.88 -1.73 -23.50
N VAL B 402 10.75 -0.44 -23.21
CA VAL B 402 10.41 0.54 -24.24
C VAL B 402 11.32 1.76 -24.13
N GLU B 403 11.66 2.35 -25.27
CA GLU B 403 12.28 3.67 -25.30
C GLU B 403 11.19 4.72 -25.48
N MET B 404 11.31 5.81 -24.74
CA MET B 404 10.27 6.82 -24.70
C MET B 404 10.86 8.21 -24.88
N VAL B 405 10.23 9.01 -25.74
CA VAL B 405 10.67 10.36 -26.04
C VAL B 405 9.54 11.31 -25.62
N PRO B 406 9.76 12.21 -24.67
CA PRO B 406 8.70 13.15 -24.29
C PRO B 406 8.46 14.19 -25.38
N GLY B 407 7.20 14.61 -25.49
CA GLY B 407 6.82 15.66 -26.41
C GLY B 407 6.99 17.07 -25.89
N LYS B 408 7.32 17.20 -24.61
CA LYS B 408 7.58 18.48 -23.96
C LYS B 408 8.73 18.29 -22.99
N PRO B 409 9.44 19.36 -22.65
CA PRO B 409 10.61 19.22 -21.76
C PRO B 409 10.24 18.60 -20.42
N MET B 410 11.04 17.63 -20.00
CA MET B 410 10.71 16.77 -18.86
C MET B 410 12.00 16.35 -18.17
N CYS B 411 11.96 16.31 -16.84
CA CYS B 411 13.10 15.84 -16.03
C CYS B 411 12.69 14.56 -15.32
N VAL B 412 13.33 13.46 -15.69
CA VAL B 412 13.13 12.17 -15.03
C VAL B 412 14.49 11.55 -14.77
N GLU B 413 14.54 10.68 -13.76
CA GLU B 413 15.77 10.03 -13.35
C GLU B 413 15.65 8.52 -13.47
N SER B 414 16.81 7.86 -13.50
CA SER B 414 16.84 6.42 -13.44
C SER B 414 16.40 5.95 -12.05
N PHE B 415 15.54 4.92 -12.03
CA PHE B 415 14.95 4.48 -10.77
C PHE B 415 16.00 3.94 -9.81
N SER B 416 17.06 3.32 -10.33
CA SER B 416 18.12 2.86 -9.45
C SER B 416 18.85 4.01 -8.78
N GLN B 417 18.81 5.20 -9.37
CA GLN B 417 19.51 6.37 -8.84
C GLN B 417 18.61 7.19 -7.92
N TYR B 418 17.47 7.65 -8.43
CA TYR B 418 16.52 8.47 -7.67
C TYR B 418 15.14 7.85 -7.79
N PRO B 419 14.77 6.97 -6.88
CA PRO B 419 13.49 6.22 -7.01
C PRO B 419 12.28 7.13 -7.13
N PRO B 420 12.10 8.13 -6.26
CA PRO B 420 10.87 8.94 -6.35
C PRO B 420 10.69 9.65 -7.69
N LEU B 421 11.71 9.67 -8.55
CA LEU B 421 11.63 10.30 -9.86
C LEU B 421 11.72 9.29 -11.00
N GLY B 422 11.69 7.99 -10.69
CA GLY B 422 11.90 6.98 -11.70
C GLY B 422 10.77 5.99 -11.89
N ARG B 423 9.71 6.12 -11.10
CA ARG B 423 8.51 5.31 -11.26
C ARG B 423 7.40 6.17 -11.84
N PHE B 424 6.69 5.65 -12.83
CA PHE B 424 5.71 6.44 -13.55
C PHE B 424 4.47 5.62 -13.87
N ALA B 425 3.35 6.32 -14.05
CA ALA B 425 2.12 5.73 -14.54
C ALA B 425 1.85 6.20 -15.97
N VAL B 426 1.20 5.33 -16.74
CA VAL B 426 0.80 5.63 -18.11
C VAL B 426 -0.72 5.73 -18.12
N ARG B 427 -1.23 6.95 -18.28
CA ARG B 427 -2.67 7.19 -18.26
C ARG B 427 -3.19 7.45 -19.66
N ASP B 428 -4.46 7.14 -19.87
CA ASP B 428 -5.13 7.38 -21.14
C ASP B 428 -6.58 7.74 -20.82
N MET B 429 -6.89 9.03 -20.85
CA MET B 429 -8.19 9.56 -20.44
C MET B 429 -8.38 9.21 -18.97
N ARG B 430 -9.37 8.40 -18.59
CA ARG B 430 -9.62 8.02 -17.21
C ARG B 430 -9.21 6.56 -16.96
N GLN B 431 -8.13 6.12 -17.60
CA GLN B 431 -7.69 4.74 -17.51
C GLN B 431 -6.18 4.67 -17.34
N THR B 432 -5.72 3.93 -16.34
CA THR B 432 -4.31 3.64 -16.17
C THR B 432 -3.98 2.38 -16.97
N VAL B 433 -3.20 2.54 -18.03
CA VAL B 433 -2.94 1.43 -18.94
C VAL B 433 -1.58 0.77 -18.71
N ALA B 434 -0.64 1.44 -18.06
CA ALA B 434 0.66 0.85 -17.81
C ALA B 434 1.34 1.60 -16.68
N VAL B 435 2.26 0.90 -16.01
CA VAL B 435 3.12 1.49 -14.99
C VAL B 435 4.51 0.90 -15.17
N GLY B 436 5.54 1.72 -14.99
CA GLY B 436 6.89 1.28 -15.23
C GLY B 436 7.90 1.96 -14.33
N VAL B 437 9.16 1.54 -14.46
CA VAL B 437 10.29 2.16 -13.79
C VAL B 437 11.36 2.46 -14.84
N ILE B 438 12.03 3.58 -14.67
CA ILE B 438 12.97 4.07 -15.68
C ILE B 438 14.28 3.31 -15.57
N LYS B 439 14.75 2.78 -16.70
CA LYS B 439 16.01 2.05 -16.74
C LYS B 439 17.20 3.02 -16.81
N ASN B 440 17.37 3.68 -17.95
CA ASN B 440 18.38 4.70 -18.12
C ASN B 440 17.78 5.86 -18.90
N VAL B 441 18.31 7.05 -18.65
CA VAL B 441 17.80 8.27 -19.28
C VAL B 441 18.99 9.02 -19.88
N GLU B 442 18.97 9.21 -21.19
CA GLU B 442 20.00 9.98 -21.86
C GLU B 442 19.65 11.46 -21.73
N LYS B 443 20.48 12.21 -21.00
CA LYS B 443 20.20 13.60 -20.68
C LYS B 443 20.49 14.49 -21.88
N LYS B 444 19.85 15.66 -21.88
CA LYS B 444 19.93 16.55 -23.03
C LYS B 444 21.26 17.31 -23.03
N SER B 445 21.62 17.81 -24.21
CA SER B 445 22.83 18.59 -24.39
C SER B 445 22.80 19.81 -23.49
N GLY B 446 21.88 20.73 -23.77
CA GLY B 446 21.68 21.89 -22.91
C GLY B 446 22.94 22.72 -22.80
N GLY B 447 23.37 22.94 -21.55
CA GLY B 447 24.51 23.78 -21.22
C GLY B 447 24.17 24.60 -19.99
N ALA B 448 25.00 25.60 -19.72
CA ALA B 448 24.71 26.50 -18.61
C ALA B 448 23.44 27.28 -18.90
N GLY B 449 22.50 27.25 -17.95
CA GLY B 449 21.26 27.97 -18.12
C GLY B 449 21.39 29.42 -17.75
N LYS B 450 20.33 30.18 -17.99
CA LYS B 450 20.31 31.56 -17.56
C LYS B 450 20.45 31.64 -16.04
N VAL B 451 21.44 32.38 -15.57
CA VAL B 451 21.81 32.43 -14.16
C VAL B 451 21.34 33.76 -13.57
N THR B 452 20.65 33.70 -12.43
CA THR B 452 20.14 34.90 -11.78
C THR B 452 21.28 35.74 -11.21
N LYS B 453 21.00 37.04 -11.07
CA LYS B 453 21.97 37.96 -10.45
C LYS B 453 22.39 37.43 -9.09
N SER B 454 21.43 36.91 -8.34
CA SER B 454 21.73 36.35 -7.03
C SER B 454 22.61 35.12 -7.15
N ALA B 455 22.38 34.28 -8.16
CA ALA B 455 23.20 33.09 -8.33
C ALA B 455 24.58 33.43 -8.88
N GLN B 456 24.68 34.52 -9.65
CA GLN B 456 26.00 34.94 -10.13
C GLN B 456 26.86 35.46 -8.98
N LYS B 457 26.26 36.15 -8.02
CA LYS B 457 27.01 36.68 -6.90
C LYS B 457 27.54 35.57 -6.00
N ALA B 458 26.74 34.50 -5.80
CA ALA B 458 27.17 33.42 -4.93
C ALA B 458 28.34 32.65 -5.54
N GLN B 459 28.36 32.50 -6.86
CA GLN B 459 29.40 31.72 -7.51
C GLN B 459 30.59 32.59 -7.85
N LYS B 460 30.81 33.63 -7.06
CA LYS B 460 31.95 34.53 -7.26
C LYS B 460 32.54 34.92 -5.91
N ALA B 461 32.57 33.98 -4.98
CA ALA B 461 33.14 34.23 -3.66
C ALA B 461 33.67 32.95 -3.03
P GPE C . -33.17 -18.35 7.43
O11 GPE C . -32.21 -18.03 8.75
O12 GPE C . -32.85 -19.88 6.82
O14 GPE C . -34.60 -18.21 7.76
O13 GPE C . -33.04 -17.31 6.41
C1 GPE C . -32.72 -18.29 10.03
C2 GPE C . -32.32 -17.17 11.01
C3 GPE C . -32.87 -17.49 12.40
O31 GPE C . -34.18 -16.96 12.53
O21 GPE C . -30.94 -17.07 11.07
C11 GPE C . -31.57 -20.23 6.40
C12 GPE C . -31.18 -19.45 5.08
N GPE C . -30.02 -18.61 5.39
P GPE D . 3.61 4.33 27.55
O11 GPE D . 2.02 3.86 27.63
O12 GPE D . 4.62 3.02 27.65
O14 GPE D . 3.92 5.32 28.59
O13 GPE D . 3.86 5.11 26.33
C1 GPE D . 1.19 4.51 28.56
C2 GPE D . -0.27 4.52 28.09
C3 GPE D . -0.91 5.85 28.43
O31 GPE D . -2.25 5.88 27.98
O21 GPE D . -0.32 4.31 26.71
C11 GPE D . 4.97 2.55 28.91
C12 GPE D . 3.69 2.00 29.64
N GPE D . 3.75 0.54 29.63
PB GDP E . -21.02 13.76 -8.85
O1B GDP E . -21.39 12.79 -9.94
O2B GDP E . -21.70 13.50 -7.53
O3B GDP E . -19.53 13.89 -8.81
O3A GDP E . -21.53 15.26 -9.47
PA GDP E . -20.78 16.41 -10.26
O1A GDP E . -20.23 15.97 -11.56
O2A GDP E . -19.96 17.28 -9.38
O5' GDP E . -22.15 17.28 -10.52
C5' GDP E . -23.18 16.80 -11.33
C4' GDP E . -23.83 17.97 -12.05
O4' GDP E . -24.44 18.85 -11.11
C3' GDP E . -22.86 18.85 -12.85
O3' GDP E . -23.53 19.34 -13.98
C2' GDP E . -22.57 19.99 -11.89
O2' GDP E . -22.24 21.20 -12.50
C1' GDP E . -23.91 20.13 -11.19
N9 GDP E . -23.83 20.71 -9.87
C8 GDP E . -22.96 20.39 -8.85
N7 GDP E . -23.17 21.12 -7.76
C5 GDP E . -24.22 21.95 -8.10
C6 GDP E . -24.91 22.96 -7.38
O6 GDP E . -24.70 23.33 -6.24
N1 GDP E . -25.90 23.59 -8.01
C2 GDP E . -26.19 23.24 -9.29
N2 GDP E . -27.20 23.92 -9.86
N3 GDP E . -25.62 22.33 -10.02
C4 GDP E . -24.62 21.70 -9.38
C1 GOL F . -18.27 -14.42 -14.88
O1 GOL F . -18.18 -14.61 -16.26
C2 GOL F . -17.55 -15.63 -14.22
O2 GOL F . -16.29 -15.29 -13.73
C3 GOL F . -18.50 -16.11 -13.11
O3 GOL F . -17.86 -15.86 -11.90
C1 GOL G . 2.03 -30.75 27.52
O1 GOL G . 2.42 -29.41 27.59
C2 GOL G . 0.66 -30.85 28.24
O2 GOL G . 0.79 -30.72 29.62
C3 GOL G . 0.07 -32.22 27.82
O3 GOL G . -1.27 -32.23 28.22
S SO4 H . -18.33 -3.71 -13.82
O1 SO4 H . -18.58 -3.92 -15.26
O2 SO4 H . -19.23 -2.69 -13.32
O3 SO4 H . -16.95 -3.26 -13.65
O4 SO4 H . -18.55 -4.96 -13.11
S SO4 I . -31.07 4.39 -7.22
O1 SO4 I . -30.87 4.54 -8.66
O2 SO4 I . -31.64 5.62 -6.67
O3 SO4 I . -32.00 3.29 -6.97
O4 SO4 I . -29.80 4.09 -6.58
S SO4 J . -11.11 -6.25 -13.58
O1 SO4 J . -12.45 -6.82 -13.68
O2 SO4 J . -10.90 -5.35 -14.70
O3 SO4 J . -10.98 -5.51 -12.32
O4 SO4 J . -10.12 -7.32 -13.60
S SO4 K . -39.42 28.17 2.11
O1 SO4 K . -40.29 29.25 1.69
O2 SO4 K . -39.34 27.17 1.04
O3 SO4 K . -39.95 27.53 3.31
O4 SO4 K . -38.08 28.70 2.39
S SO4 L . -31.62 8.36 -3.38
O1 SO4 L . -31.94 9.78 -3.44
O2 SO4 L . -32.14 7.69 -4.59
O3 SO4 L . -32.25 7.76 -2.21
O4 SO4 L . -30.18 8.19 -3.32
P GPE M . 15.57 2.60 -34.41
O11 GPE M . 15.64 3.97 -33.48
O12 GPE M . 14.08 2.46 -35.14
O14 GPE M . 15.89 1.42 -33.60
O13 GPE M . 16.65 2.59 -35.40
C1 GPE M . 16.52 5.00 -33.87
C2 GPE M . 15.76 6.02 -34.73
C3 GPE M . 16.56 7.30 -34.86
O31 GPE M . 16.29 7.90 -36.12
O21 GPE M . 15.54 5.47 -35.99
C11 GPE M . 12.93 2.26 -34.36
C12 GPE M . 12.58 3.60 -33.61
N GPE M . 12.22 3.31 -32.21
PB GDP N . 12.30 -23.47 -7.90
O1B GDP N . 11.65 -23.69 -9.24
O2B GDP N . 13.53 -22.64 -8.10
O3B GDP N . 11.37 -22.95 -6.84
O3A GDP N . 12.88 -25.02 -7.48
PA GDP N . 12.29 -26.00 -6.39
O1A GDP N . 10.81 -25.95 -6.37
O2A GDP N . 13.04 -25.90 -5.12
O5' GDP N . 12.69 -27.45 -7.04
C5' GDP N . 13.86 -27.68 -7.75
C4' GDP N . 14.08 -29.18 -7.79
O4' GDP N . 15.37 -29.49 -7.29
C3' GDP N . 13.11 -29.98 -6.90
O3' GDP N . 12.99 -31.28 -7.42
C2' GDP N . 13.86 -30.01 -5.57
O2' GDP N . 13.55 -31.09 -4.75
C1' GDP N . 15.31 -30.10 -6.04
N9 GDP N . 16.26 -29.46 -5.15
C8 GDP N . 16.12 -28.24 -4.55
N7 GDP N . 17.18 -27.92 -3.79
C5 GDP N . 18.02 -29.01 -3.92
C6 GDP N . 19.30 -29.30 -3.37
O6 GDP N . 19.93 -28.58 -2.62
N1 GDP N . 19.87 -30.45 -3.69
C2 GDP N . 19.19 -31.28 -4.54
N2 GDP N . 19.82 -32.44 -4.83
N3 GDP N . 18.03 -31.11 -5.09
C4 GDP N . 17.47 -29.94 -4.74
C1 GOL O . 17.64 -35.95 -2.57
O1 GOL O . 19.02 -36.13 -2.56
C2 GOL O . 17.32 -34.96 -3.73
O2 GOL O . 17.49 -35.55 -4.98
C3 GOL O . 15.86 -34.51 -3.47
O3 GOL O . 15.40 -33.95 -4.67
C1 GOL P . 25.34 -7.34 -0.76
O1 GOL P . 25.53 -6.29 -1.66
C2 GOL P . 25.73 -6.82 0.63
O2 GOL P . 24.91 -5.77 1.05
C3 GOL P . 25.63 -8.05 1.56
O3 GOL P . 24.48 -8.74 1.20
C1 GOL Q . 33.30 -13.26 -2.59
O1 GOL Q . 32.48 -12.13 -2.60
C2 GOL Q . 32.54 -14.37 -1.83
O2 GOL Q . 31.73 -13.85 -0.83
C3 GOL Q . 33.63 -15.30 -1.26
O3 GOL Q . 33.51 -16.52 -1.93
C1 GOL R . 7.63 -26.36 19.85
O1 GOL R . 6.68 -26.65 20.83
C2 GOL R . 6.92 -26.49 18.48
O2 GOL R . 5.55 -26.24 18.59
C3 GOL R . 7.63 -25.45 17.58
O3 GOL R . 8.98 -25.79 17.54
S SO4 S . -5.27 -10.32 -15.70
O1 SO4 S . -5.22 -9.36 -16.79
O2 SO4 S . -4.94 -11.65 -16.20
O3 SO4 S . -4.29 -9.93 -14.67
O4 SO4 S . -6.59 -10.34 -15.10
S SO4 T . -8.39 -11.78 -10.15
O1 SO4 T . -7.91 -11.93 -11.51
O2 SO4 T . -9.43 -10.76 -10.13
O3 SO4 T . -7.30 -11.39 -9.27
O4 SO4 T . -8.93 -13.06 -9.66
S SO4 U . 24.95 -14.23 -24.61
O1 SO4 U . 23.87 -13.39 -24.11
O2 SO4 U . 25.30 -13.79 -25.96
O3 SO4 U . 26.12 -14.12 -23.75
O4 SO4 U . 24.50 -15.62 -24.65
S SO4 V . 36.72 -31.02 -6.18
O1 SO4 V . 36.47 -31.99 -7.24
O2 SO4 V . 36.04 -29.77 -6.45
O3 SO4 V . 38.16 -30.76 -6.10
O4 SO4 V . 36.24 -31.56 -4.91
S SO4 W . 23.09 3.42 -11.70
O1 SO4 W . 22.90 2.31 -12.66
O2 SO4 W . 23.10 4.68 -12.45
O3 SO4 W . 22.02 3.43 -10.73
O4 SO4 W . 24.37 3.25 -11.02
S SO4 X . -0.20 -14.64 -17.66
O1 SO4 X . -1.59 -14.37 -18.05
O2 SO4 X . 0.42 -15.54 -18.63
O3 SO4 X . -0.18 -15.27 -16.34
O4 SO4 X . 0.53 -13.39 -17.63
#